data_5FRS
#
_entry.id   5FRS
#
_cell.length_a   187.471
_cell.length_b   248.461
_cell.length_c   62.865
_cell.angle_alpha   90.00
_cell.angle_beta   90.00
_cell.angle_gamma   90.00
#
_symmetry.space_group_name_H-M   'C 2 2 21'
#
loop_
_entity.id
_entity.type
_entity.pdbx_description
1 polymer 'SISTER CHROMATID COHESION PROTEIN PDS5'
2 polymer 'SISTER CHROMATID COHESION PROTEIN 1'
#
loop_
_entity_poly.entity_id
_entity_poly.type
_entity_poly.pdbx_seq_one_letter_code
_entity_poly.pdbx_strand_id
1 'polypeptide(L)'
;GAMAKGAVTKLKFNSPIISTSDQLISTNELLDRLKALHEELASLDQDNTDLTGLDKYRDALVSRKLLKHKDVGIRAFTAC
CLSDILRLYAPDAPYTDAQLTDIFKLVLSQFEQLGDQENGYHIQQTYLITKLLEYRSIVLLADLPSSNNLLIELFHIFYD
PNKSFPARLFNVIGGILGEVISEFDSVPLEVLRLIFNKFLTYNPNEIPEGLNVTSDCGYEVSLILCDTYSNRMSRHLTKY
YSEIIHEATNDDNNSRLLTVVVKLHKLVLRLWETVPELINAVIGFIYHELSSENELFRKEATKLIGQILTSYSDLNFVST
HSDTFKAWISKIADISPDVRVEWTESIPQIIATREDISKELNQALAKTFIDSDPRVRRTSVMIFNKVPVTEIWKNITNKA
IYTSLLHLAREKHKEVRELCINTMAKFYSNSLNEIERTYQNKEIWEIIDTIPSTLYNLYYINDLNINEQVDSVIFEYLLP
FEPDNDKRVHRLLTVLSHFDKKAFTSFFAFNARQIKISFAISKYIDFSKFLNNQESMSSSQGPIVMNKYNQTLQWLASGL
SDSTKAIDALETIKQFNDERIFYLLNACVTNDIPFLTFKNCYNELVSKLQTPGLFKKYNISTGASIMPRDIAKVIQILLF
RASPIIYNVSNISVLLNLSNNSDAKQLDLKRRILDDISKVNPTLFKDQIRTLKTIIKDLDDPD
;
A
2 'polypeptide(L)' LMMEDAVTEREVLVTPG C
#
# COMPACT_ATOMS: atom_id res chain seq x y z
N LYS A 5 -63.61 25.46 11.44
CA LYS A 5 -64.74 25.50 10.51
C LYS A 5 -64.94 26.89 9.89
N GLY A 6 -64.83 27.95 10.69
CA GLY A 6 -64.91 29.31 10.18
C GLY A 6 -63.56 29.99 10.24
N ALA A 7 -62.99 30.31 9.08
CA ALA A 7 -61.65 30.89 9.01
C ALA A 7 -61.66 32.20 8.21
N VAL A 8 -60.49 32.84 8.13
CA VAL A 8 -60.38 34.11 7.43
C VAL A 8 -60.12 33.88 5.93
N THR A 9 -59.54 32.73 5.59
CA THR A 9 -59.37 32.32 4.19
C THR A 9 -60.38 31.24 3.85
N LYS A 10 -60.51 30.93 2.56
CA LYS A 10 -61.52 29.99 2.10
C LYS A 10 -61.22 29.52 0.67
N LEU A 11 -61.70 28.32 0.33
CA LEU A 11 -61.55 27.76 -1.01
C LEU A 11 -62.52 28.39 -2.00
N LYS A 12 -62.01 28.78 -3.15
CA LYS A 12 -62.78 29.57 -4.12
C LYS A 12 -63.05 28.80 -5.42
N PHE A 13 -62.37 27.68 -5.60
CA PHE A 13 -62.56 26.85 -6.78
C PHE A 13 -63.80 25.98 -6.59
N ASN A 14 -64.74 26.05 -7.53
CA ASN A 14 -65.89 25.15 -7.51
C ASN A 14 -66.29 24.74 -8.94
N SER A 15 -65.46 23.90 -9.53
CA SER A 15 -65.72 23.29 -10.82
C SER A 15 -65.65 21.77 -10.66
N PRO A 16 -66.53 21.02 -11.35
CA PRO A 16 -66.49 19.55 -11.21
C PRO A 16 -65.20 18.94 -11.77
N ILE A 17 -64.84 17.77 -11.26
CA ILE A 17 -63.58 17.12 -11.64
C ILE A 17 -63.81 15.71 -12.17
N ILE A 18 -64.95 15.12 -11.85
CA ILE A 18 -65.24 13.74 -12.25
C ILE A 18 -66.12 13.67 -13.50
N SER A 19 -65.64 12.94 -14.51
CA SER A 19 -66.32 12.82 -15.79
C SER A 19 -67.23 11.60 -15.84
N THR A 20 -68.53 11.86 -15.94
CA THR A 20 -69.55 10.80 -15.99
C THR A 20 -70.23 10.79 -17.35
N SER A 21 -71.02 9.74 -17.60
CA SER A 21 -71.78 9.63 -18.85
C SER A 21 -72.74 10.80 -18.98
N ASP A 22 -73.29 11.24 -17.84
CA ASP A 22 -74.15 12.41 -17.81
C ASP A 22 -73.39 13.65 -18.28
N GLN A 23 -72.60 14.24 -17.38
CA GLN A 23 -71.76 15.37 -17.71
C GLN A 23 -70.31 14.91 -17.89
N LEU A 24 -69.80 15.03 -19.11
CA LEU A 24 -68.43 14.64 -19.40
C LEU A 24 -67.50 15.85 -19.38
N ILE A 25 -66.22 15.58 -19.13
CA ILE A 25 -65.19 16.60 -19.18
C ILE A 25 -64.11 16.13 -20.15
N SER A 26 -63.84 16.94 -21.17
CA SER A 26 -62.74 16.66 -22.09
C SER A 26 -61.44 16.62 -21.31
N THR A 27 -60.41 16.03 -21.89
CA THR A 27 -59.12 15.94 -21.21
C THR A 27 -58.57 17.34 -20.91
N ASN A 28 -58.63 18.23 -21.89
CA ASN A 28 -57.96 19.53 -21.76
C ASN A 28 -58.66 20.51 -20.83
N GLU A 29 -59.98 20.39 -20.71
CA GLU A 29 -60.70 21.18 -19.71
C GLU A 29 -60.34 20.70 -18.31
N LEU A 30 -60.19 19.37 -18.17
CA LEU A 30 -59.86 18.75 -16.90
C LEU A 30 -58.46 19.13 -16.43
N LEU A 31 -57.50 19.07 -17.36
CA LEU A 31 -56.12 19.45 -17.08
C LEU A 31 -55.98 20.87 -16.56
N ASP A 32 -56.79 21.77 -17.11
CA ASP A 32 -56.73 23.17 -16.71
C ASP A 32 -57.48 23.40 -15.40
N ARG A 33 -58.50 22.58 -15.14
CA ARG A 33 -59.24 22.65 -13.89
C ARG A 33 -58.39 22.15 -12.73
N LEU A 34 -57.77 20.99 -12.92
CA LEU A 34 -56.85 20.47 -11.92
C LEU A 34 -55.66 21.40 -11.72
N LYS A 35 -55.23 22.07 -12.80
CA LYS A 35 -54.15 23.04 -12.68
C LYS A 35 -54.54 24.17 -11.74
N ALA A 36 -55.77 24.65 -11.88
CA ALA A 36 -56.28 25.70 -11.02
C ALA A 36 -56.40 25.19 -9.59
N LEU A 37 -57.08 24.06 -9.42
CA LEU A 37 -57.27 23.48 -8.09
C LEU A 37 -55.94 23.32 -7.37
N HIS A 38 -54.94 22.75 -8.07
CA HIS A 38 -53.61 22.60 -7.51
C HIS A 38 -53.03 23.95 -7.06
N GLU A 39 -53.05 24.92 -7.98
CA GLU A 39 -52.46 26.24 -7.73
C GLU A 39 -53.12 26.91 -6.52
N GLU A 40 -54.41 26.68 -6.34
CA GLU A 40 -55.13 27.28 -5.23
C GLU A 40 -54.75 26.65 -3.90
N LEU A 41 -54.78 25.32 -3.83
CA LEU A 41 -54.49 24.61 -2.59
C LEU A 41 -53.09 24.90 -2.03
N ALA A 42 -52.15 25.23 -2.92
CA ALA A 42 -50.79 25.52 -2.50
C ALA A 42 -50.72 26.78 -1.66
N SER A 43 -51.57 27.74 -1.99
CA SER A 43 -51.51 29.05 -1.33
C SER A 43 -52.22 29.07 0.03
N LEU A 44 -53.04 28.05 0.32
CA LEU A 44 -53.78 28.02 1.57
C LEU A 44 -52.86 27.95 2.79
N ASP A 45 -53.36 28.36 3.95
CA ASP A 45 -52.62 28.24 5.20
C ASP A 45 -53.27 27.21 6.10
N GLN A 46 -52.46 26.26 6.56
CA GLN A 46 -52.96 25.02 7.16
C GLN A 46 -53.93 25.30 8.29
N ASP A 47 -53.71 26.43 8.96
CA ASP A 47 -54.47 26.77 10.15
C ASP A 47 -55.66 27.67 9.83
N ASN A 48 -55.41 28.92 9.48
CA ASN A 48 -56.48 29.86 9.17
C ASN A 48 -57.10 29.55 7.82
N THR A 49 -57.70 28.37 7.71
CA THR A 49 -58.40 27.96 6.49
C THR A 49 -59.66 27.19 6.82
N ASP A 50 -60.70 27.41 6.01
CA ASP A 50 -62.02 26.85 6.21
C ASP A 50 -61.99 25.35 6.49
N LEU A 51 -61.56 24.58 5.48
CA LEU A 51 -61.35 23.14 5.61
C LEU A 51 -62.63 22.32 5.43
N THR A 52 -63.78 22.92 5.70
CA THR A 52 -65.03 22.17 5.60
C THR A 52 -65.47 22.10 4.15
N GLY A 53 -65.48 23.24 3.49
CA GLY A 53 -65.85 23.32 2.09
C GLY A 53 -64.73 22.81 1.20
N LEU A 54 -64.30 21.57 1.46
CA LEU A 54 -63.17 20.99 0.76
C LEU A 54 -63.28 19.46 0.69
N ASP A 55 -64.16 18.89 1.50
CA ASP A 55 -64.42 17.45 1.47
C ASP A 55 -64.92 17.01 0.10
N LYS A 56 -65.50 17.94 -0.66
CA LYS A 56 -66.02 17.67 -2.00
C LYS A 56 -64.92 17.14 -2.92
N TYR A 57 -63.71 17.68 -2.75
CA TYR A 57 -62.57 17.32 -3.58
C TYR A 57 -61.69 16.28 -2.91
N ARG A 58 -61.74 16.25 -1.58
CA ARG A 58 -61.10 15.19 -0.80
C ARG A 58 -61.54 13.82 -1.31
N ASP A 59 -62.84 13.70 -1.56
CA ASP A 59 -63.42 12.44 -2.02
C ASP A 59 -63.17 12.23 -3.51
N ALA A 60 -63.03 13.33 -4.24
CA ALA A 60 -63.00 13.25 -5.70
C ALA A 60 -61.65 12.77 -6.21
N LEU A 61 -60.58 13.28 -5.59
CA LEU A 61 -59.25 13.05 -6.11
C LEU A 61 -58.74 11.63 -5.89
N VAL A 62 -59.58 10.73 -5.39
CA VAL A 62 -59.18 9.34 -5.18
C VAL A 62 -59.91 8.39 -6.13
N SER A 63 -60.78 8.91 -7.00
CA SER A 63 -61.44 8.09 -8.00
C SER A 63 -60.40 7.45 -8.91
N ARG A 64 -60.41 6.13 -8.98
CA ARG A 64 -59.41 5.39 -9.74
C ARG A 64 -59.34 5.85 -11.20
N LYS A 65 -60.35 6.62 -11.62
CA LYS A 65 -60.38 7.19 -12.97
C LYS A 65 -59.40 8.36 -13.12
N LEU A 66 -58.97 8.93 -11.99
CA LEU A 66 -57.98 10.02 -11.97
C LEU A 66 -56.59 9.53 -11.61
N LEU A 67 -56.54 8.59 -10.68
CA LEU A 67 -55.28 7.96 -10.29
C LEU A 67 -54.65 7.27 -11.49
N LYS A 68 -55.36 6.28 -12.04
CA LYS A 68 -54.90 5.58 -13.22
C LYS A 68 -55.59 6.17 -14.45
N HIS A 69 -55.43 7.49 -14.60
CA HIS A 69 -55.84 8.19 -15.81
C HIS A 69 -54.65 8.18 -16.75
N LYS A 70 -54.92 8.20 -18.05
CA LYS A 70 -53.85 8.09 -19.03
C LYS A 70 -52.93 9.29 -18.97
N ASP A 71 -53.46 10.47 -19.32
CA ASP A 71 -52.65 11.66 -19.48
C ASP A 71 -51.80 11.93 -18.24
N VAL A 72 -50.49 12.05 -18.45
CA VAL A 72 -49.53 12.27 -17.38
C VAL A 72 -49.78 13.58 -16.62
N GLY A 73 -50.26 14.59 -17.33
CA GLY A 73 -50.57 15.86 -16.70
C GLY A 73 -51.60 15.67 -15.61
N ILE A 74 -52.66 14.94 -15.94
CA ILE A 74 -53.76 14.70 -14.99
C ILE A 74 -53.29 13.99 -13.72
N ARG A 75 -52.53 12.92 -13.88
CA ARG A 75 -51.96 12.25 -12.72
C ARG A 75 -51.07 13.20 -11.92
N ALA A 76 -50.25 13.97 -12.62
CA ALA A 76 -49.30 14.88 -11.98
C ALA A 76 -49.98 16.00 -11.18
N PHE A 77 -51.06 16.55 -11.71
CA PHE A 77 -51.82 17.58 -10.98
C PHE A 77 -52.70 16.92 -9.92
N THR A 78 -53.15 15.69 -10.18
CA THR A 78 -53.91 14.94 -9.19
C THR A 78 -53.05 14.72 -7.94
N ALA A 79 -51.78 14.39 -8.15
CA ALA A 79 -50.83 14.20 -7.05
C ALA A 79 -50.59 15.49 -6.25
N CYS A 80 -50.17 16.54 -6.95
CA CYS A 80 -49.88 17.83 -6.32
C CYS A 80 -51.05 18.38 -5.51
N CYS A 81 -52.27 18.12 -5.97
CA CYS A 81 -53.45 18.42 -5.17
C CYS A 81 -53.43 17.57 -3.89
N LEU A 82 -53.39 16.26 -4.05
CA LEU A 82 -53.43 15.32 -2.92
C LEU A 82 -52.31 15.55 -1.91
N SER A 83 -51.20 16.12 -2.35
CA SER A 83 -50.09 16.43 -1.45
C SER A 83 -50.53 17.45 -0.42
N ASP A 84 -51.29 18.43 -0.89
CA ASP A 84 -51.75 19.52 -0.05
C ASP A 84 -52.93 19.11 0.82
N ILE A 85 -53.72 18.15 0.34
CA ILE A 85 -54.83 17.60 1.13
C ILE A 85 -54.33 17.11 2.49
N LEU A 86 -53.47 16.09 2.47
CA LEU A 86 -52.84 15.56 3.68
C LEU A 86 -52.31 16.67 4.57
N ARG A 87 -51.42 17.48 3.99
CA ARG A 87 -50.82 18.63 4.65
C ARG A 87 -51.83 19.45 5.47
N LEU A 88 -52.97 19.74 4.86
CA LEU A 88 -53.93 20.64 5.47
C LEU A 88 -54.80 19.92 6.51
N TYR A 89 -55.29 18.74 6.15
CA TYR A 89 -56.08 17.92 7.07
C TYR A 89 -55.29 17.32 8.22
N ALA A 90 -54.00 17.09 8.00
CA ALA A 90 -53.14 16.56 9.06
C ALA A 90 -53.22 17.46 10.29
N PRO A 91 -53.12 16.86 11.49
CA PRO A 91 -52.77 15.46 11.75
C PRO A 91 -53.94 14.49 11.71
N ASP A 92 -55.11 14.93 11.25
CA ASP A 92 -56.30 14.10 11.34
C ASP A 92 -56.23 12.90 10.40
N ALA A 93 -55.34 12.97 9.40
CA ALA A 93 -55.16 11.87 8.45
C ALA A 93 -56.49 11.46 7.83
N PRO A 94 -56.98 12.26 6.86
CA PRO A 94 -58.36 12.13 6.37
C PRO A 94 -58.67 10.78 5.76
N TYR A 95 -57.73 10.24 4.99
CA TYR A 95 -57.96 9.04 4.23
C TYR A 95 -57.70 7.76 5.01
N THR A 96 -58.35 6.68 4.59
CA THR A 96 -58.14 5.37 5.19
C THR A 96 -56.82 4.80 4.68
N ASP A 97 -56.38 3.72 5.31
CA ASP A 97 -55.09 3.12 4.96
C ASP A 97 -55.08 2.57 3.53
N ALA A 98 -56.19 2.00 3.09
CA ALA A 98 -56.26 1.42 1.75
C ALA A 98 -56.14 2.48 0.67
N GLN A 99 -56.91 3.54 0.81
CA GLN A 99 -56.79 4.70 -0.06
C GLN A 99 -55.34 5.18 -0.02
N LEU A 100 -54.83 5.34 1.19
CA LEU A 100 -53.50 5.91 1.39
C LEU A 100 -52.46 5.10 0.63
N THR A 101 -52.65 3.78 0.58
CA THR A 101 -51.76 2.91 -0.18
C THR A 101 -51.89 3.21 -1.67
N ASP A 102 -53.13 3.24 -2.16
CA ASP A 102 -53.40 3.52 -3.57
C ASP A 102 -52.85 4.89 -3.96
N ILE A 103 -52.95 5.85 -3.04
CA ILE A 103 -52.32 7.16 -3.23
C ILE A 103 -50.82 7.02 -3.32
N PHE A 104 -50.23 6.41 -2.31
CA PHE A 104 -48.79 6.34 -2.21
C PHE A 104 -48.17 5.48 -3.30
N LYS A 105 -48.96 4.72 -4.04
CA LYS A 105 -48.39 4.01 -5.18
C LYS A 105 -48.31 4.97 -6.35
N LEU A 106 -49.21 5.94 -6.38
CA LEU A 106 -49.21 6.95 -7.43
C LEU A 106 -48.03 7.89 -7.27
N VAL A 107 -47.73 8.26 -6.04
CA VAL A 107 -46.61 9.16 -5.78
C VAL A 107 -45.32 8.45 -6.18
N LEU A 108 -45.29 7.14 -6.01
CA LEU A 108 -44.13 6.37 -6.43
C LEU A 108 -44.04 6.37 -7.95
N SER A 109 -45.17 6.54 -8.63
CA SER A 109 -45.15 6.65 -10.09
C SER A 109 -44.48 7.97 -10.45
N GLN A 110 -44.92 9.05 -9.82
CA GLN A 110 -44.44 10.38 -10.18
C GLN A 110 -42.94 10.53 -9.89
N PHE A 111 -42.46 9.92 -8.82
CA PHE A 111 -41.04 9.90 -8.53
C PHE A 111 -40.30 9.19 -9.63
N GLU A 112 -40.91 8.09 -10.09
CA GLU A 112 -40.31 7.25 -11.12
C GLU A 112 -40.15 8.07 -12.40
N GLN A 113 -41.15 8.88 -12.71
CA GLN A 113 -41.13 9.70 -13.91
C GLN A 113 -40.20 10.90 -13.76
N LEU A 114 -39.73 11.15 -12.54
CA LEU A 114 -38.95 12.35 -12.25
C LEU A 114 -37.51 12.21 -12.68
N GLY A 115 -37.03 10.97 -12.72
CA GLY A 115 -35.68 10.67 -13.20
C GLY A 115 -35.65 10.40 -14.69
N ASP A 116 -36.82 10.16 -15.26
CA ASP A 116 -36.97 9.96 -16.70
C ASP A 116 -36.82 11.28 -17.47
N GLN A 117 -37.11 11.24 -18.77
CA GLN A 117 -37.14 12.43 -19.60
C GLN A 117 -38.41 13.21 -19.33
N GLU A 118 -38.36 14.51 -19.60
CA GLU A 118 -39.44 15.41 -19.24
C GLU A 118 -40.74 15.05 -19.96
N ASN A 119 -41.79 14.86 -19.17
CA ASN A 119 -43.14 14.63 -19.69
C ASN A 119 -43.89 15.93 -19.86
N GLY A 120 -43.17 17.04 -19.66
CA GLY A 120 -43.73 18.37 -19.70
C GLY A 120 -44.25 18.78 -18.34
N TYR A 121 -44.13 17.88 -17.37
CA TYR A 121 -44.68 18.10 -16.04
C TYR A 121 -43.63 17.76 -14.99
N HIS A 122 -42.36 17.93 -15.35
CA HIS A 122 -41.27 17.75 -14.41
C HIS A 122 -41.39 18.75 -13.25
N ILE A 123 -41.90 19.94 -13.55
CA ILE A 123 -42.05 20.95 -12.52
C ILE A 123 -43.05 20.45 -11.50
N GLN A 124 -44.20 20.00 -11.98
CA GLN A 124 -45.27 19.49 -11.12
C GLN A 124 -44.79 18.33 -10.26
N GLN A 125 -43.82 17.58 -10.76
CA GLN A 125 -43.27 16.46 -10.01
C GLN A 125 -42.14 16.93 -9.08
N THR A 126 -41.56 18.09 -9.38
CA THR A 126 -40.55 18.68 -8.51
C THR A 126 -41.26 19.31 -7.31
N TYR A 127 -42.41 19.90 -7.56
CA TYR A 127 -43.25 20.44 -6.50
C TYR A 127 -43.58 19.31 -5.54
N LEU A 128 -44.03 18.19 -6.11
CA LEU A 128 -44.56 17.09 -5.34
C LEU A 128 -43.58 16.53 -4.32
N ILE A 129 -42.37 16.22 -4.77
CA ILE A 129 -41.38 15.59 -3.89
C ILE A 129 -40.98 16.54 -2.76
N THR A 130 -40.79 17.81 -3.08
CA THR A 130 -40.29 18.78 -2.12
C THR A 130 -41.30 19.05 -1.01
N LYS A 131 -42.56 19.22 -1.38
CA LYS A 131 -43.61 19.53 -0.41
C LYS A 131 -43.92 18.34 0.49
N LEU A 132 -43.86 17.13 -0.08
CA LEU A 132 -44.09 15.91 0.70
C LEU A 132 -43.09 15.78 1.83
N LEU A 133 -41.95 16.46 1.68
CA LEU A 133 -40.92 16.47 2.70
C LEU A 133 -41.16 17.62 3.67
N GLU A 134 -41.30 18.82 3.12
CA GLU A 134 -41.45 20.03 3.93
C GLU A 134 -42.53 19.84 4.98
N TYR A 135 -43.71 19.43 4.55
CA TYR A 135 -44.83 19.23 5.46
C TYR A 135 -44.83 17.81 6.02
N ARG A 136 -43.77 17.06 5.71
CA ARG A 136 -43.52 15.73 6.28
C ARG A 136 -44.72 14.78 6.16
N SER A 137 -45.65 15.09 5.28
CA SER A 137 -46.80 14.22 5.06
C SER A 137 -46.32 12.87 4.54
N ILE A 138 -45.09 12.85 4.05
CA ILE A 138 -44.48 11.66 3.48
C ILE A 138 -44.46 10.48 4.45
N VAL A 139 -44.21 10.75 5.73
CA VAL A 139 -43.98 9.66 6.69
C VAL A 139 -45.27 8.89 7.00
N LEU A 140 -46.39 9.34 6.44
CA LEU A 140 -47.65 8.62 6.56
C LEU A 140 -47.53 7.24 5.90
N LEU A 141 -46.50 7.09 5.08
CA LEU A 141 -46.24 5.87 4.33
C LEU A 141 -45.83 4.70 5.23
N ALA A 142 -45.40 5.01 6.44
CA ALA A 142 -44.84 4.00 7.33
C ALA A 142 -45.85 3.42 8.32
N ASP A 143 -47.11 3.83 8.23
CA ASP A 143 -48.16 3.30 9.10
C ASP A 143 -49.16 2.50 8.26
N LEU A 144 -48.62 1.72 7.34
CA LEU A 144 -49.43 0.93 6.43
C LEU A 144 -49.08 -0.55 6.53
N PRO A 145 -50.00 -1.43 6.11
CA PRO A 145 -49.74 -2.87 6.20
C PRO A 145 -48.69 -3.34 5.19
N SER A 146 -48.53 -2.58 4.11
CA SER A 146 -47.64 -2.94 3.02
C SER A 146 -46.37 -2.09 3.01
N SER A 147 -46.17 -1.32 4.07
CA SER A 147 -45.08 -0.35 4.16
C SER A 147 -43.74 -0.93 3.76
N ASN A 148 -43.49 -2.19 4.11
CA ASN A 148 -42.22 -2.82 3.77
C ASN A 148 -42.09 -2.96 2.26
N ASN A 149 -43.13 -3.45 1.62
CA ASN A 149 -43.15 -3.58 0.17
C ASN A 149 -42.96 -2.18 -0.46
N LEU A 150 -43.66 -1.19 0.06
CA LEU A 150 -43.57 0.18 -0.42
C LEU A 150 -42.18 0.77 -0.21
N LEU A 151 -41.68 0.59 1.02
CA LEU A 151 -40.35 1.06 1.39
C LEU A 151 -39.32 0.56 0.40
N ILE A 152 -39.42 -0.72 0.05
CA ILE A 152 -38.52 -1.34 -0.91
C ILE A 152 -38.69 -0.58 -2.22
N GLU A 153 -39.93 -0.48 -2.70
CA GLU A 153 -40.18 0.13 -4.00
C GLU A 153 -39.63 1.54 -4.04
N LEU A 154 -39.87 2.30 -2.98
CA LEU A 154 -39.41 3.67 -2.88
C LEU A 154 -37.90 3.74 -3.08
N PHE A 155 -37.19 2.80 -2.49
CA PHE A 155 -35.74 2.79 -2.56
C PHE A 155 -35.26 2.41 -3.95
N HIS A 156 -35.80 1.31 -4.48
CA HIS A 156 -35.42 0.82 -5.80
C HIS A 156 -35.50 1.93 -6.83
N ILE A 157 -36.42 2.87 -6.62
CA ILE A 157 -36.66 3.95 -7.57
C ILE A 157 -35.51 4.93 -7.68
N PHE A 158 -35.06 5.47 -6.56
CA PHE A 158 -33.98 6.45 -6.59
C PHE A 158 -32.63 5.78 -6.82
N TYR A 159 -32.46 4.58 -6.26
CA TYR A 159 -31.24 3.81 -6.43
C TYR A 159 -31.23 3.05 -7.78
N ASP A 160 -32.24 3.31 -8.61
CA ASP A 160 -32.29 2.77 -9.98
C ASP A 160 -31.23 3.42 -10.88
N PRO A 161 -30.38 2.61 -11.53
CA PRO A 161 -29.38 3.17 -12.45
C PRO A 161 -30.01 3.93 -13.63
N ASN A 162 -31.11 3.41 -14.15
CA ASN A 162 -31.65 3.92 -15.41
C ASN A 162 -32.37 5.27 -15.29
N LYS A 163 -32.30 5.88 -14.12
CA LYS A 163 -32.92 7.18 -13.88
C LYS A 163 -31.87 8.25 -13.77
N SER A 164 -32.17 9.43 -14.30
CA SER A 164 -31.24 10.55 -14.27
C SER A 164 -31.84 11.74 -13.50
N PHE A 165 -31.71 11.70 -12.17
CA PHE A 165 -32.18 12.79 -11.32
C PHE A 165 -31.19 13.94 -11.37
N PRO A 166 -31.69 15.20 -11.44
CA PRO A 166 -30.77 16.34 -11.39
C PRO A 166 -30.09 16.47 -10.03
N ALA A 167 -28.96 17.17 -9.97
CA ALA A 167 -28.17 17.24 -8.74
C ALA A 167 -28.78 18.16 -7.66
N ARG A 168 -29.84 18.89 -8.02
CA ARG A 168 -30.51 19.79 -7.10
C ARG A 168 -31.28 19.02 -6.02
N LEU A 169 -31.90 17.91 -6.44
CA LEU A 169 -32.82 17.16 -5.59
C LEU A 169 -32.16 16.16 -4.67
N PHE A 170 -30.86 15.96 -4.83
CA PHE A 170 -30.16 14.97 -4.01
C PHE A 170 -30.38 15.22 -2.53
N ASN A 171 -30.35 16.49 -2.13
CA ASN A 171 -30.60 16.87 -0.75
C ASN A 171 -31.99 16.48 -0.30
N VAL A 172 -32.97 16.73 -1.17
CA VAL A 172 -34.37 16.42 -0.92
C VAL A 172 -34.61 14.92 -0.80
N ILE A 173 -34.07 14.17 -1.76
CA ILE A 173 -34.24 12.73 -1.79
C ILE A 173 -33.71 12.14 -0.50
N GLY A 174 -32.47 12.48 -0.15
CA GLY A 174 -31.84 11.99 1.06
C GLY A 174 -32.74 12.26 2.25
N GLY A 175 -33.36 13.43 2.24
CA GLY A 175 -34.31 13.78 3.27
C GLY A 175 -35.47 12.81 3.26
N ILE A 176 -36.08 12.63 2.09
CA ILE A 176 -37.25 11.77 1.92
C ILE A 176 -37.01 10.39 2.50
N LEU A 177 -35.98 9.73 1.98
CA LEU A 177 -35.62 8.40 2.42
C LEU A 177 -35.22 8.43 3.90
N GLY A 178 -34.59 9.54 4.30
CA GLY A 178 -34.13 9.70 5.67
C GLY A 178 -35.27 9.66 6.68
N GLU A 179 -36.33 10.40 6.39
CA GLU A 179 -37.49 10.45 7.29
C GLU A 179 -38.21 9.12 7.32
N VAL A 180 -38.58 8.64 6.13
CA VAL A 180 -39.40 7.44 6.00
C VAL A 180 -38.79 6.22 6.68
N ILE A 181 -37.47 6.18 6.77
CA ILE A 181 -36.82 5.03 7.37
C ILE A 181 -36.76 5.18 8.88
N SER A 182 -36.62 6.42 9.37
CA SER A 182 -36.56 6.66 10.80
C SER A 182 -37.81 6.09 11.49
N GLU A 183 -38.86 5.84 10.71
CA GLU A 183 -40.12 5.31 11.22
C GLU A 183 -40.13 3.78 11.31
N PHE A 184 -39.06 3.16 10.82
CA PHE A 184 -38.91 1.71 10.88
C PHE A 184 -37.88 1.23 11.91
N ASP A 185 -38.28 0.20 12.66
CA ASP A 185 -37.42 -0.41 13.68
C ASP A 185 -36.64 -1.57 13.08
N SER A 186 -37.32 -2.28 12.16
CA SER A 186 -36.72 -3.37 11.40
C SER A 186 -36.91 -3.12 9.92
N VAL A 187 -35.82 -2.78 9.23
CA VAL A 187 -35.87 -2.49 7.81
C VAL A 187 -35.53 -3.74 7.00
N PRO A 188 -36.28 -4.01 5.91
CA PRO A 188 -36.00 -5.18 5.08
C PRO A 188 -34.56 -5.20 4.59
N LEU A 189 -33.99 -6.40 4.55
CA LEU A 189 -32.59 -6.58 4.20
C LEU A 189 -32.32 -6.11 2.77
N GLU A 190 -33.30 -6.32 1.89
CA GLU A 190 -33.18 -5.97 0.48
C GLU A 190 -32.83 -4.50 0.29
N VAL A 191 -33.40 -3.65 1.15
CA VAL A 191 -33.12 -2.21 1.13
C VAL A 191 -31.68 -1.92 1.53
N LEU A 192 -31.25 -2.54 2.63
CA LEU A 192 -29.94 -2.29 3.17
C LEU A 192 -28.86 -2.72 2.20
N ARG A 193 -29.12 -3.80 1.46
CA ARG A 193 -28.22 -4.20 0.39
C ARG A 193 -28.05 -3.01 -0.54
N LEU A 194 -29.18 -2.45 -0.96
CA LEU A 194 -29.21 -1.35 -1.92
C LEU A 194 -28.37 -0.17 -1.45
N ILE A 195 -28.54 0.20 -0.19
CA ILE A 195 -27.87 1.37 0.38
C ILE A 195 -26.35 1.22 0.52
N PHE A 196 -25.91 0.07 1.01
CA PHE A 196 -24.52 -0.10 1.41
C PHE A 196 -23.61 -0.52 0.28
N ASN A 197 -24.08 -1.45 -0.56
CA ASN A 197 -23.31 -1.87 -1.71
C ASN A 197 -22.88 -0.66 -2.55
N LYS A 198 -23.63 0.43 -2.48
CA LYS A 198 -23.29 1.67 -3.20
C LYS A 198 -21.97 2.29 -2.76
N PHE A 199 -21.41 1.84 -1.65
CA PHE A 199 -20.08 2.28 -1.24
C PHE A 199 -19.00 1.45 -1.94
N LEU A 200 -19.28 0.15 -2.06
CA LEU A 200 -18.40 -0.77 -2.76
C LEU A 200 -18.28 -0.41 -4.23
N THR A 201 -19.44 -0.19 -4.87
CA THR A 201 -19.52 -0.08 -6.32
C THR A 201 -18.97 1.24 -6.84
N TYR A 202 -19.46 2.35 -6.29
CA TYR A 202 -18.94 3.65 -6.71
C TYR A 202 -17.77 4.06 -5.84
N ASN A 203 -16.58 3.95 -6.41
CA ASN A 203 -15.40 4.53 -5.81
C ASN A 203 -15.06 5.81 -6.57
N PRO A 204 -15.04 6.96 -5.87
CA PRO A 204 -14.50 8.13 -6.54
C PRO A 204 -13.00 7.98 -6.74
N ASN A 205 -12.34 9.00 -7.28
CA ASN A 205 -10.91 8.96 -7.57
C ASN A 205 -10.44 7.65 -8.23
N GLU A 206 -11.36 6.96 -8.89
CA GLU A 206 -11.05 5.69 -9.56
C GLU A 206 -10.50 5.95 -10.97
N ILE A 207 -11.20 6.81 -11.71
CA ILE A 207 -10.74 7.24 -13.02
C ILE A 207 -10.17 8.65 -12.91
N PRO A 208 -8.94 8.86 -13.42
CA PRO A 208 -8.42 10.24 -13.54
C PRO A 208 -8.89 10.90 -14.84
N GLU A 209 -9.53 12.07 -14.73
CA GLU A 209 -10.09 12.73 -15.91
C GLU A 209 -10.22 14.24 -15.72
N GLY A 210 -10.84 14.90 -16.69
CA GLY A 210 -10.90 16.36 -16.72
C GLY A 210 -11.55 17.03 -15.53
N LEU A 211 -12.76 16.62 -15.18
CA LEU A 211 -13.54 17.32 -14.15
C LEU A 211 -14.16 16.40 -13.11
N ASN A 212 -14.41 15.14 -13.48
CA ASN A 212 -15.09 14.20 -12.59
C ASN A 212 -16.43 14.77 -12.13
N VAL A 213 -16.98 15.69 -12.93
CA VAL A 213 -18.25 16.33 -12.63
C VAL A 213 -19.39 15.31 -12.68
N THR A 214 -19.05 14.12 -13.18
CA THR A 214 -19.95 12.96 -13.23
C THR A 214 -20.97 12.92 -12.11
N SER A 215 -20.51 12.61 -10.89
CA SER A 215 -21.38 12.51 -9.72
C SER A 215 -22.38 11.36 -9.88
N ASP A 216 -22.91 10.91 -8.75
CA ASP A 216 -23.90 9.83 -8.74
C ASP A 216 -24.97 10.12 -7.71
N CYS A 217 -26.21 9.76 -8.03
CA CYS A 217 -27.34 9.96 -7.13
C CYS A 217 -27.25 9.07 -5.89
N GLY A 218 -27.32 7.76 -6.12
CA GLY A 218 -27.36 6.79 -5.03
C GLY A 218 -26.23 6.93 -4.03
N TYR A 219 -25.03 7.25 -4.52
CA TYR A 219 -23.88 7.44 -3.64
C TYR A 219 -24.13 8.61 -2.71
N GLU A 220 -24.28 9.80 -3.30
CA GLU A 220 -24.50 11.02 -2.53
C GLU A 220 -25.65 10.84 -1.52
N VAL A 221 -26.59 9.96 -1.87
CA VAL A 221 -27.72 9.66 -1.00
C VAL A 221 -27.32 8.86 0.22
N SER A 222 -26.58 7.79 0.01
CA SER A 222 -26.14 6.95 1.12
C SER A 222 -25.19 7.71 2.06
N LEU A 223 -24.50 8.72 1.54
CA LEU A 223 -23.71 9.61 2.38
C LEU A 223 -24.61 10.39 3.33
N ILE A 224 -25.66 10.96 2.74
CA ILE A 224 -26.67 11.72 3.48
C ILE A 224 -27.32 10.86 4.56
N LEU A 225 -27.67 9.63 4.23
CA LEU A 225 -28.35 8.74 5.17
C LEU A 225 -27.45 8.30 6.32
N CYS A 226 -26.16 8.16 6.05
CA CYS A 226 -25.23 7.67 7.06
C CYS A 226 -24.59 8.79 7.87
N ASP A 227 -24.43 9.96 7.27
CA ASP A 227 -23.95 11.11 8.01
C ASP A 227 -25.07 11.67 8.88
N THR A 228 -26.10 12.21 8.22
CA THR A 228 -27.19 12.89 8.91
C THR A 228 -27.92 11.94 9.85
N TYR A 229 -28.47 10.86 9.30
CA TYR A 229 -29.28 9.94 10.08
C TYR A 229 -28.44 8.81 10.66
N SER A 230 -27.19 9.13 10.97
CA SER A 230 -26.27 8.19 11.61
C SER A 230 -26.96 7.50 12.79
N ASN A 231 -27.63 8.30 13.61
CA ASN A 231 -28.23 7.84 14.88
C ASN A 231 -29.19 6.67 14.69
N ARG A 232 -29.90 6.66 13.57
CA ARG A 232 -30.90 5.62 13.29
C ARG A 232 -30.36 4.59 12.29
N MET A 233 -29.43 5.01 11.43
CA MET A 233 -28.85 4.10 10.43
C MET A 233 -27.88 3.14 11.09
N SER A 234 -27.20 3.62 12.12
CA SER A 234 -26.26 2.80 12.87
C SER A 234 -26.93 1.56 13.50
N ARG A 235 -28.19 1.70 13.92
CA ARG A 235 -28.98 0.57 14.45
C ARG A 235 -29.19 -0.48 13.39
N HIS A 236 -29.44 -0.01 12.16
CA HIS A 236 -29.76 -0.89 11.06
C HIS A 236 -28.49 -1.51 10.49
N LEU A 237 -27.43 -0.72 10.40
CA LEU A 237 -26.17 -1.20 9.83
C LEU A 237 -25.71 -2.48 10.49
N THR A 238 -25.89 -2.55 11.81
CA THR A 238 -25.47 -3.72 12.57
C THR A 238 -26.29 -4.94 12.18
N LYS A 239 -27.54 -4.71 11.82
CA LYS A 239 -28.42 -5.79 11.39
C LYS A 239 -27.96 -6.33 10.04
N TYR A 240 -27.44 -5.43 9.20
CA TYR A 240 -26.94 -5.81 7.89
C TYR A 240 -25.79 -6.80 8.04
N TYR A 241 -24.77 -6.41 8.79
CA TYR A 241 -23.59 -7.24 8.96
C TYR A 241 -23.98 -8.64 9.46
N SER A 242 -24.73 -8.70 10.55
CA SER A 242 -25.13 -9.98 11.13
C SER A 242 -25.96 -10.79 10.16
N GLU A 243 -26.92 -10.14 9.50
CA GLU A 243 -27.79 -10.82 8.56
C GLU A 243 -27.01 -11.38 7.38
N ILE A 244 -26.14 -10.54 6.82
CA ILE A 244 -25.34 -10.94 5.67
C ILE A 244 -24.46 -12.14 6.03
N ILE A 245 -23.73 -12.03 7.14
CA ILE A 245 -22.92 -13.13 7.66
C ILE A 245 -23.78 -14.35 7.96
N HIS A 246 -24.93 -14.10 8.57
CA HIS A 246 -25.88 -15.16 8.88
C HIS A 246 -26.37 -15.86 7.62
N GLU A 247 -26.55 -15.08 6.55
CA GLU A 247 -27.04 -15.60 5.29
C GLU A 247 -26.03 -16.49 4.56
N ALA A 248 -24.76 -16.08 4.58
CA ALA A 248 -23.70 -16.76 3.83
C ALA A 248 -23.10 -17.94 4.60
N THR A 249 -23.17 -17.88 5.93
CA THR A 249 -22.71 -18.98 6.78
C THR A 249 -23.59 -20.19 6.58
N ASN A 250 -24.90 -19.96 6.60
CA ASN A 250 -25.90 -21.00 6.43
C ASN A 250 -26.20 -21.30 4.96
N ASP A 251 -25.51 -20.59 4.06
CA ASP A 251 -25.56 -20.89 2.62
C ASP A 251 -25.04 -22.31 2.43
N ASP A 252 -25.73 -23.08 1.60
CA ASP A 252 -25.25 -24.40 1.22
C ASP A 252 -23.83 -24.30 0.69
N ASN A 253 -23.61 -23.30 -0.14
CA ASN A 253 -22.28 -22.93 -0.61
C ASN A 253 -21.37 -22.62 0.58
N ASN A 254 -20.61 -23.62 0.99
CA ASN A 254 -19.76 -23.49 2.16
C ASN A 254 -18.71 -22.37 2.04
N SER A 255 -18.17 -22.19 0.84
CA SER A 255 -17.06 -21.28 0.63
C SER A 255 -17.50 -19.85 0.34
N ARG A 256 -18.80 -19.62 0.36
CA ARG A 256 -19.36 -18.28 0.20
C ARG A 256 -18.96 -17.38 1.34
N LEU A 257 -19.06 -17.92 2.55
CA LEU A 257 -18.87 -17.14 3.78
C LEU A 257 -17.62 -16.27 3.75
N LEU A 258 -16.50 -16.85 3.34
CA LEU A 258 -15.24 -16.11 3.26
C LEU A 258 -15.34 -14.98 2.25
N THR A 259 -15.97 -15.25 1.11
CA THR A 259 -16.04 -14.25 0.06
C THR A 259 -16.86 -13.04 0.52
N VAL A 260 -17.92 -13.27 1.30
CA VAL A 260 -18.78 -12.17 1.70
C VAL A 260 -18.15 -11.38 2.83
N VAL A 261 -17.47 -12.07 3.74
CA VAL A 261 -16.83 -11.37 4.84
C VAL A 261 -15.73 -10.49 4.25
N VAL A 262 -15.04 -10.99 3.22
CA VAL A 262 -14.00 -10.20 2.55
C VAL A 262 -14.63 -9.02 1.86
N LYS A 263 -15.91 -9.14 1.51
CA LYS A 263 -16.65 -8.04 0.93
C LYS A 263 -17.14 -7.08 2.01
N LEU A 264 -17.67 -7.65 3.09
CA LEU A 264 -18.12 -6.85 4.23
C LEU A 264 -16.97 -6.01 4.74
N HIS A 265 -15.79 -6.61 4.83
CA HIS A 265 -14.60 -5.89 5.27
C HIS A 265 -14.27 -4.72 4.35
N LYS A 266 -14.49 -4.88 3.05
CA LYS A 266 -14.19 -3.81 2.12
C LYS A 266 -15.24 -2.72 2.28
N LEU A 267 -16.45 -3.11 2.65
CA LEU A 267 -17.52 -2.14 2.89
C LEU A 267 -17.15 -1.26 4.07
N VAL A 268 -16.66 -1.89 5.13
CA VAL A 268 -16.25 -1.17 6.33
C VAL A 268 -15.19 -0.14 5.98
N LEU A 269 -14.16 -0.54 5.24
CA LEU A 269 -13.02 0.32 4.98
C LEU A 269 -13.38 1.57 4.20
N ARG A 270 -14.39 1.48 3.34
CA ARG A 270 -14.85 2.66 2.62
C ARG A 270 -15.49 3.61 3.62
N LEU A 271 -16.26 3.04 4.55
CA LEU A 271 -17.01 3.84 5.51
C LEU A 271 -16.09 4.63 6.44
N TRP A 272 -14.97 4.03 6.83
CA TRP A 272 -14.02 4.72 7.70
C TRP A 272 -13.42 5.93 7.00
N GLU A 273 -13.33 5.84 5.67
CA GLU A 273 -12.76 6.91 4.87
C GLU A 273 -13.79 8.01 4.64
N THR A 274 -15.06 7.71 4.87
CA THR A 274 -16.15 8.66 4.59
C THR A 274 -16.96 9.06 5.84
N VAL A 275 -17.50 8.08 6.57
CA VAL A 275 -18.35 8.37 7.73
C VAL A 275 -17.92 7.59 8.99
N PRO A 276 -16.67 7.80 9.44
CA PRO A 276 -15.99 6.93 10.42
C PRO A 276 -16.79 6.69 11.69
N GLU A 277 -17.81 7.52 11.91
CA GLU A 277 -18.61 7.42 13.12
C GLU A 277 -19.30 6.07 13.14
N LEU A 278 -19.71 5.60 11.98
CA LEU A 278 -20.59 4.44 11.93
C LEU A 278 -19.86 3.16 12.27
N ILE A 279 -18.53 3.19 12.23
CA ILE A 279 -17.71 1.99 12.46
C ILE A 279 -18.08 1.34 13.80
N ASN A 280 -18.48 2.18 14.74
CA ASN A 280 -18.92 1.76 16.07
C ASN A 280 -19.97 0.66 15.97
N ALA A 281 -20.83 0.75 14.96
CA ALA A 281 -21.99 -0.13 14.85
C ALA A 281 -21.62 -1.58 14.56
N VAL A 282 -20.35 -1.82 14.23
CA VAL A 282 -19.91 -3.17 13.93
C VAL A 282 -18.48 -3.45 14.41
N ILE A 283 -17.84 -2.44 14.99
CA ILE A 283 -16.49 -2.60 15.53
C ILE A 283 -16.44 -3.79 16.50
N GLY A 284 -17.61 -4.17 17.03
CA GLY A 284 -17.73 -5.35 17.87
C GLY A 284 -17.34 -6.63 17.17
N PHE A 285 -18.04 -6.95 16.08
CA PHE A 285 -17.85 -8.23 15.39
C PHE A 285 -16.40 -8.44 14.99
N ILE A 286 -15.75 -7.35 14.58
CA ILE A 286 -14.33 -7.37 14.23
C ILE A 286 -13.52 -7.88 15.41
N TYR A 287 -13.77 -7.32 16.58
CA TYR A 287 -13.07 -7.72 17.79
C TYR A 287 -13.25 -9.22 18.04
N HIS A 288 -14.48 -9.72 17.90
CA HIS A 288 -14.76 -11.16 18.06
C HIS A 288 -14.14 -11.99 16.95
N GLU A 289 -13.99 -11.39 15.77
CA GLU A 289 -13.38 -12.06 14.63
C GLU A 289 -11.89 -12.22 14.84
N LEU A 290 -11.24 -11.22 15.42
CA LEU A 290 -9.82 -11.31 15.73
C LEU A 290 -9.57 -12.50 16.65
N SER A 291 -10.55 -12.81 17.49
CA SER A 291 -10.45 -13.96 18.39
C SER A 291 -11.33 -15.13 17.95
N SER A 292 -11.57 -15.21 16.65
CA SER A 292 -12.37 -16.29 16.09
C SER A 292 -11.60 -17.60 16.14
N GLU A 293 -12.31 -18.71 16.03
CA GLU A 293 -11.67 -20.01 16.02
C GLU A 293 -10.97 -20.24 14.68
N ASN A 294 -11.54 -19.65 13.63
CA ASN A 294 -11.16 -19.91 12.25
C ASN A 294 -10.09 -18.91 11.78
N GLU A 295 -8.89 -19.43 11.53
CA GLU A 295 -7.72 -18.61 11.28
C GLU A 295 -7.87 -17.71 10.05
N LEU A 296 -8.77 -18.08 9.15
CA LEU A 296 -8.97 -17.30 7.93
C LEU A 296 -9.75 -16.04 8.24
N PHE A 297 -10.76 -16.16 9.10
CA PHE A 297 -11.54 -14.98 9.46
C PHE A 297 -10.70 -14.05 10.34
N ARG A 298 -9.80 -14.64 11.12
CA ARG A 298 -8.83 -13.89 11.90
C ARG A 298 -7.84 -13.18 10.99
N LYS A 299 -7.37 -13.90 9.98
CA LYS A 299 -6.45 -13.34 8.99
C LYS A 299 -7.05 -12.13 8.28
N GLU A 300 -8.28 -12.30 7.78
CA GLU A 300 -8.97 -11.23 7.04
C GLU A 300 -9.22 -10.04 7.96
N ALA A 301 -9.64 -10.33 9.18
CA ALA A 301 -9.88 -9.31 10.19
C ALA A 301 -8.63 -8.48 10.45
N THR A 302 -7.50 -9.16 10.61
CA THR A 302 -6.23 -8.49 10.79
C THR A 302 -5.94 -7.55 9.63
N LYS A 303 -5.95 -8.11 8.42
CA LYS A 303 -5.72 -7.33 7.21
C LYS A 303 -6.47 -6.01 7.26
N LEU A 304 -7.77 -6.11 7.58
CA LEU A 304 -8.68 -4.97 7.57
C LEU A 304 -8.20 -3.81 8.41
N ILE A 305 -8.09 -4.04 9.71
CA ILE A 305 -7.61 -3.00 10.62
C ILE A 305 -6.30 -2.43 10.05
N GLY A 306 -5.47 -3.32 9.50
CA GLY A 306 -4.20 -2.94 8.90
C GLY A 306 -4.37 -1.84 7.86
N GLN A 307 -5.37 -2.00 7.02
CA GLN A 307 -5.66 -1.01 6.00
C GLN A 307 -6.13 0.28 6.68
N ILE A 308 -7.00 0.14 7.69
CA ILE A 308 -7.68 1.27 8.32
C ILE A 308 -6.70 2.33 8.77
N LEU A 309 -5.66 1.88 9.45
CA LEU A 309 -4.70 2.76 10.08
C LEU A 309 -3.99 3.63 9.06
N THR A 310 -3.95 3.17 7.81
CA THR A 310 -3.23 3.89 6.78
C THR A 310 -4.09 4.97 6.14
N SER A 311 -5.39 4.93 6.39
CA SER A 311 -6.35 5.76 5.66
C SER A 311 -6.47 7.18 6.22
N TYR A 312 -6.56 8.16 5.32
CA TYR A 312 -6.99 9.50 5.70
C TYR A 312 -8.31 9.34 6.42
N SER A 313 -8.47 10.08 7.52
CA SER A 313 -9.70 10.02 8.27
C SER A 313 -9.78 11.22 9.21
N ASP A 314 -10.89 11.94 9.15
CA ASP A 314 -11.14 13.08 10.04
C ASP A 314 -11.05 12.63 11.50
N LEU A 315 -11.37 11.36 11.72
CA LEU A 315 -11.28 10.74 13.04
C LEU A 315 -9.97 9.98 13.18
N ASN A 316 -9.70 9.49 14.39
CA ASN A 316 -8.49 8.73 14.68
C ASN A 316 -8.79 7.43 15.40
N PHE A 317 -8.37 6.31 14.80
CA PHE A 317 -8.86 5.00 15.19
C PHE A 317 -8.45 4.57 16.59
N VAL A 318 -7.15 4.56 16.84
CA VAL A 318 -6.60 4.06 18.09
C VAL A 318 -7.26 4.76 19.27
N SER A 319 -7.65 6.01 19.05
CA SER A 319 -8.32 6.79 20.07
C SER A 319 -9.71 6.24 20.29
N THR A 320 -10.49 6.22 19.22
CA THR A 320 -11.91 5.89 19.30
C THR A 320 -12.10 4.45 19.80
N HIS A 321 -11.36 3.52 19.22
CA HIS A 321 -11.55 2.10 19.51
C HIS A 321 -10.25 1.49 19.99
N SER A 322 -9.65 2.09 21.00
CA SER A 322 -8.44 1.56 21.59
C SER A 322 -8.67 0.14 22.10
N ASP A 323 -9.93 -0.19 22.35
CA ASP A 323 -10.33 -1.53 22.78
C ASP A 323 -9.80 -2.60 21.82
N THR A 324 -9.89 -2.31 20.53
CA THR A 324 -9.55 -3.28 19.50
C THR A 324 -8.12 -3.10 18.99
N PHE A 325 -7.63 -1.86 18.92
CA PHE A 325 -6.27 -1.61 18.44
C PHE A 325 -5.24 -2.32 19.30
N LYS A 326 -5.62 -2.60 20.54
CA LYS A 326 -4.75 -3.33 21.45
C LYS A 326 -4.89 -4.82 21.20
N ALA A 327 -6.05 -5.21 20.68
CA ALA A 327 -6.27 -6.58 20.26
C ALA A 327 -5.51 -6.85 18.95
N TRP A 328 -5.27 -5.79 18.19
CA TRP A 328 -4.61 -5.88 16.88
C TRP A 328 -3.10 -6.07 17.02
N ILE A 329 -2.50 -5.28 17.91
CA ILE A 329 -1.09 -5.46 18.29
C ILE A 329 -0.96 -6.68 19.19
N SER A 330 -2.08 -7.34 19.46
CA SER A 330 -2.10 -8.60 20.20
C SER A 330 -1.96 -9.78 19.25
N LYS A 331 -1.98 -9.52 17.94
CA LYS A 331 -1.93 -10.58 16.95
C LYS A 331 -0.52 -10.96 16.55
N ILE A 332 0.46 -10.21 17.04
CA ILE A 332 1.86 -10.62 16.89
C ILE A 332 2.20 -11.85 17.76
N ALA A 333 1.17 -12.43 18.39
CA ALA A 333 1.33 -13.59 19.27
C ALA A 333 0.27 -14.65 18.96
N ASP A 334 -0.34 -14.55 17.79
CA ASP A 334 -1.37 -15.51 17.40
C ASP A 334 -0.74 -16.88 17.16
N ILE A 335 -1.57 -17.92 17.20
CA ILE A 335 -1.11 -19.29 16.95
C ILE A 335 -0.78 -19.50 15.47
N SER A 336 -1.69 -19.05 14.59
CA SER A 336 -1.53 -19.22 13.16
C SER A 336 -0.53 -18.22 12.55
N PRO A 337 0.57 -18.73 11.96
CA PRO A 337 1.56 -17.84 11.32
C PRO A 337 0.96 -16.99 10.22
N ASP A 338 0.12 -17.58 9.38
CA ASP A 338 -0.56 -16.87 8.30
C ASP A 338 -1.16 -15.55 8.81
N VAL A 339 -1.48 -15.53 10.10
CA VAL A 339 -2.01 -14.33 10.74
C VAL A 339 -0.89 -13.39 11.13
N ARG A 340 0.18 -13.93 11.70
CA ARG A 340 1.29 -13.10 12.13
C ARG A 340 1.91 -12.36 10.95
N VAL A 341 2.03 -13.05 9.83
CA VAL A 341 2.62 -12.46 8.62
C VAL A 341 1.77 -11.30 8.12
N GLU A 342 0.46 -11.50 8.11
CA GLU A 342 -0.46 -10.52 7.58
C GLU A 342 -0.38 -9.22 8.38
N TRP A 343 -0.05 -9.36 9.66
CA TRP A 343 0.14 -8.22 10.57
C TRP A 343 1.36 -7.40 10.12
N THR A 344 2.48 -8.08 9.93
CA THR A 344 3.75 -7.43 9.65
C THR A 344 3.79 -6.81 8.24
N GLU A 345 3.08 -7.44 7.30
CA GLU A 345 3.04 -6.97 5.92
C GLU A 345 2.50 -5.55 5.79
N SER A 346 1.74 -5.11 6.78
CA SER A 346 1.05 -3.82 6.71
C SER A 346 1.88 -2.69 7.31
N ILE A 347 2.86 -3.04 8.12
CA ILE A 347 3.61 -2.06 8.90
C ILE A 347 4.20 -0.94 8.02
N PRO A 348 4.99 -1.29 7.00
CA PRO A 348 5.63 -0.29 6.12
C PRO A 348 4.69 0.84 5.63
N GLN A 349 3.41 0.56 5.39
CA GLN A 349 2.48 1.59 4.89
C GLN A 349 1.94 2.42 6.04
N ILE A 350 1.77 1.79 7.20
CA ILE A 350 1.34 2.49 8.41
C ILE A 350 2.34 3.58 8.77
N ILE A 351 3.59 3.16 8.98
CA ILE A 351 4.67 4.07 9.31
C ILE A 351 4.79 5.24 8.32
N ALA A 352 4.65 4.93 7.03
CA ALA A 352 4.71 5.97 6.01
C ALA A 352 3.57 6.98 6.16
N THR A 353 2.39 6.51 6.60
CA THR A 353 1.18 7.33 6.62
C THR A 353 0.75 7.81 8.00
N ARG A 354 1.45 7.40 9.06
CA ARG A 354 1.18 7.96 10.38
C ARG A 354 2.32 7.77 11.38
N GLU A 355 2.49 8.76 12.24
CA GLU A 355 3.50 8.73 13.30
C GLU A 355 2.84 8.57 14.66
N ASP A 356 1.52 8.39 14.64
CA ASP A 356 0.69 8.22 15.83
C ASP A 356 1.33 7.36 16.91
N ILE A 357 1.76 6.16 16.52
CA ILE A 357 2.40 5.25 17.45
C ILE A 357 3.89 5.17 17.12
N SER A 358 4.68 4.97 18.17
CA SER A 358 6.04 4.50 18.02
C SER A 358 6.41 3.75 19.29
N LYS A 359 5.39 3.35 20.03
CA LYS A 359 5.56 2.75 21.35
C LYS A 359 5.05 1.32 21.35
N GLU A 360 3.83 1.14 20.89
CA GLU A 360 3.27 -0.20 20.76
C GLU A 360 3.96 -0.94 19.61
N LEU A 361 4.50 -0.18 18.66
CA LEU A 361 5.29 -0.77 17.58
C LEU A 361 6.64 -1.20 18.11
N ASN A 362 7.38 -0.25 18.66
CA ASN A 362 8.69 -0.53 19.24
C ASN A 362 8.65 -1.60 20.35
N GLN A 363 7.43 -1.94 20.81
CA GLN A 363 7.22 -3.03 21.76
C GLN A 363 6.92 -4.34 21.04
N ALA A 364 6.35 -4.21 19.85
CA ALA A 364 5.89 -5.35 19.08
C ALA A 364 6.99 -5.90 18.16
N LEU A 365 7.57 -5.05 17.32
CA LEU A 365 8.58 -5.47 16.34
C LEU A 365 9.77 -6.15 16.99
N ALA A 366 10.01 -5.82 18.26
CA ALA A 366 11.06 -6.46 19.03
C ALA A 366 10.73 -7.94 19.26
N LYS A 367 9.44 -8.29 19.19
CA LYS A 367 8.98 -9.68 19.32
C LYS A 367 8.86 -10.35 17.94
N THR A 368 8.69 -9.53 16.91
CA THR A 368 8.55 -10.01 15.54
C THR A 368 9.87 -10.41 14.90
N PHE A 369 10.91 -9.64 15.20
CA PHE A 369 12.25 -9.93 14.72
C PHE A 369 12.88 -11.15 15.38
N ILE A 370 12.12 -11.82 16.25
CA ILE A 370 12.62 -13.01 16.95
C ILE A 370 11.57 -14.10 17.05
N ASP A 371 10.63 -14.11 16.11
CA ASP A 371 9.58 -15.11 16.07
C ASP A 371 10.18 -16.46 15.68
N SER A 372 9.42 -17.53 15.90
CA SER A 372 9.89 -18.89 15.61
C SER A 372 9.73 -19.25 14.13
N ASP A 373 8.72 -18.70 13.47
CA ASP A 373 8.55 -18.90 12.03
C ASP A 373 9.46 -17.92 11.28
N PRO A 374 10.25 -18.44 10.31
CA PRO A 374 11.18 -17.56 9.59
C PRO A 374 10.49 -16.64 8.59
N ARG A 375 9.23 -16.92 8.28
CA ARG A 375 8.48 -16.12 7.31
C ARG A 375 8.32 -14.69 7.80
N VAL A 376 7.94 -14.53 9.06
CA VAL A 376 7.69 -13.21 9.62
C VAL A 376 8.99 -12.39 9.67
N ARG A 377 10.07 -13.02 10.11
CA ARG A 377 11.35 -12.36 10.22
C ARG A 377 11.76 -11.72 8.89
N ARG A 378 11.53 -12.43 7.79
CA ARG A 378 11.75 -11.87 6.45
C ARG A 378 10.84 -10.66 6.24
N THR A 379 9.60 -10.72 6.75
CA THR A 379 8.65 -9.64 6.56
C THR A 379 9.11 -8.42 7.35
N SER A 380 9.77 -8.67 8.47
CA SER A 380 10.23 -7.59 9.33
C SER A 380 11.34 -6.80 8.64
N VAL A 381 12.39 -7.49 8.21
CA VAL A 381 13.53 -6.78 7.66
C VAL A 381 13.11 -6.06 6.37
N MET A 382 12.11 -6.62 5.68
CA MET A 382 11.60 -6.05 4.43
C MET A 382 11.11 -4.63 4.64
N ILE A 383 10.94 -4.27 5.91
CA ILE A 383 10.64 -2.90 6.28
C ILE A 383 11.83 -2.01 5.93
N PHE A 384 13.00 -2.35 6.47
CA PHE A 384 14.22 -1.59 6.20
C PHE A 384 14.51 -1.42 4.71
N ASN A 385 13.89 -2.26 3.88
CA ASN A 385 13.95 -2.11 2.44
C ASN A 385 12.82 -1.23 1.92
N LYS A 386 11.59 -1.64 2.20
CA LYS A 386 10.40 -1.02 1.61
C LYS A 386 10.21 0.44 2.03
N VAL A 387 10.22 0.73 3.32
CA VAL A 387 9.99 2.11 3.77
C VAL A 387 11.32 2.88 3.75
N PRO A 388 11.28 4.18 3.37
CA PRO A 388 12.54 4.96 3.30
C PRO A 388 13.29 5.06 4.63
N VAL A 389 14.60 5.25 4.52
CA VAL A 389 15.53 5.27 5.66
C VAL A 389 15.24 6.38 6.66
N THR A 390 14.79 7.52 6.18
CA THR A 390 14.46 8.65 7.05
C THR A 390 13.41 8.18 8.05
N GLU A 391 12.21 7.92 7.54
CA GLU A 391 11.08 7.46 8.35
C GLU A 391 11.49 6.43 9.40
N ILE A 392 12.41 5.53 9.03
CA ILE A 392 12.87 4.46 9.92
C ILE A 392 13.55 5.07 11.13
N TRP A 393 14.64 5.80 10.90
CA TRP A 393 15.37 6.46 11.98
C TRP A 393 14.42 7.24 12.90
N LYS A 394 13.45 7.91 12.30
CA LYS A 394 12.46 8.67 13.06
C LYS A 394 11.63 7.75 13.96
N ASN A 395 10.77 6.95 13.32
CA ASN A 395 9.73 6.21 14.01
C ASN A 395 10.24 5.09 14.91
N ILE A 396 11.09 4.21 14.38
CA ILE A 396 11.63 3.12 15.18
C ILE A 396 12.93 3.60 15.82
N THR A 397 13.06 3.29 17.11
CA THR A 397 14.14 3.83 17.92
C THR A 397 14.68 2.77 18.86
N ASN A 398 13.76 1.96 19.40
CA ASN A 398 14.08 0.84 20.28
C ASN A 398 15.38 0.16 19.85
N LYS A 399 16.30 0.04 20.80
CA LYS A 399 17.57 -0.65 20.62
C LYS A 399 17.38 -2.04 20.00
N ALA A 400 16.55 -2.86 20.64
CA ALA A 400 16.41 -4.27 20.29
C ALA A 400 16.14 -4.54 18.80
N ILE A 401 15.53 -3.57 18.11
CA ILE A 401 15.25 -3.74 16.69
C ILE A 401 16.55 -3.77 15.88
N TYR A 402 17.40 -2.76 16.05
CA TYR A 402 18.64 -2.68 15.30
C TYR A 402 19.63 -3.81 15.62
N THR A 403 19.60 -4.31 16.84
CA THR A 403 20.48 -5.41 17.24
C THR A 403 20.08 -6.74 16.58
N SER A 404 18.79 -7.05 16.66
CA SER A 404 18.26 -8.28 16.11
C SER A 404 18.39 -8.32 14.60
N LEU A 405 18.40 -7.14 13.97
CA LEU A 405 18.62 -7.04 12.53
C LEU A 405 20.01 -7.55 12.17
N LEU A 406 21.04 -6.96 12.76
CA LEU A 406 22.41 -7.39 12.48
C LEU A 406 22.66 -8.83 12.95
N HIS A 407 21.89 -9.28 13.93
CA HIS A 407 22.05 -10.63 14.50
C HIS A 407 21.66 -11.74 13.53
N LEU A 408 20.61 -11.50 12.74
CA LEU A 408 20.15 -12.48 11.77
C LEU A 408 21.16 -12.72 10.64
N ALA A 409 22.17 -11.86 10.57
CA ALA A 409 23.19 -11.98 9.54
C ALA A 409 24.05 -13.24 9.74
N ARG A 410 24.02 -13.79 10.95
CA ARG A 410 24.77 -15.02 11.28
C ARG A 410 23.82 -16.19 11.49
N GLU A 411 22.62 -16.08 10.94
CA GLU A 411 21.59 -17.10 11.12
C GLU A 411 21.76 -18.25 10.14
N LYS A 412 21.38 -19.45 10.59
CA LYS A 412 21.50 -20.64 9.75
C LYS A 412 20.64 -20.47 8.51
N HIS A 413 19.38 -20.10 8.72
CA HIS A 413 18.41 -19.95 7.62
C HIS A 413 18.99 -19.04 6.54
N LYS A 414 18.82 -19.45 5.29
CA LYS A 414 19.48 -18.77 4.18
C LYS A 414 18.70 -17.55 3.67
N GLU A 415 17.43 -17.75 3.34
CA GLU A 415 16.68 -16.70 2.66
C GLU A 415 16.60 -15.44 3.53
N VAL A 416 16.56 -15.63 4.85
CA VAL A 416 16.61 -14.50 5.79
C VAL A 416 17.96 -13.83 5.69
N ARG A 417 18.98 -14.59 6.08
CA ARG A 417 20.37 -14.15 6.08
C ARG A 417 20.75 -13.30 4.87
N GLU A 418 20.36 -13.75 3.67
CA GLU A 418 20.70 -13.04 2.44
C GLU A 418 20.00 -11.69 2.36
N LEU A 419 18.69 -11.69 2.61
CA LEU A 419 17.91 -10.45 2.58
C LEU A 419 18.37 -9.53 3.71
N CYS A 420 18.66 -10.14 4.84
CA CYS A 420 19.17 -9.44 6.00
C CYS A 420 20.44 -8.64 5.64
N ILE A 421 21.45 -9.32 5.09
CA ILE A 421 22.70 -8.67 4.66
C ILE A 421 22.44 -7.52 3.70
N ASN A 422 21.95 -7.85 2.50
CA ASN A 422 21.66 -6.84 1.48
C ASN A 422 20.83 -5.68 2.02
N THR A 423 20.07 -5.94 3.09
CA THR A 423 19.26 -4.91 3.71
C THR A 423 20.11 -4.03 4.61
N MET A 424 20.79 -4.64 5.59
CA MET A 424 21.50 -3.88 6.61
C MET A 424 22.72 -3.14 6.06
N ALA A 425 23.07 -3.42 4.80
CA ALA A 425 24.17 -2.71 4.13
C ALA A 425 23.67 -1.56 3.27
N LYS A 426 22.56 -1.78 2.56
CA LYS A 426 21.93 -0.71 1.80
C LYS A 426 21.33 0.33 2.75
N PHE A 427 21.14 -0.08 4.00
CA PHE A 427 20.65 0.81 5.05
C PHE A 427 21.76 1.74 5.55
N TYR A 428 22.93 1.16 5.82
CA TYR A 428 24.07 1.89 6.36
C TYR A 428 24.51 3.06 5.50
N SER A 429 24.54 2.87 4.18
CA SER A 429 24.98 3.93 3.27
C SER A 429 23.98 5.07 3.22
N ASN A 430 22.70 4.72 3.09
CA ASN A 430 21.62 5.70 3.20
C ASN A 430 21.63 6.39 4.55
N SER A 431 22.05 5.65 5.58
CA SER A 431 22.05 6.14 6.95
C SER A 431 23.24 7.07 7.24
N LEU A 432 24.02 7.41 6.21
CA LEU A 432 25.16 8.33 6.33
C LEU A 432 25.04 9.47 5.34
N ASN A 433 24.59 9.13 4.13
CA ASN A 433 24.37 10.13 3.09
C ASN A 433 23.12 10.97 3.33
N GLU A 434 22.44 10.71 4.44
CA GLU A 434 21.18 11.40 4.73
C GLU A 434 21.06 11.86 6.18
N ILE A 435 20.93 10.93 7.12
CA ILE A 435 20.71 11.31 8.52
C ILE A 435 22.00 11.79 9.18
N GLU A 436 21.92 12.98 9.78
CA GLU A 436 23.05 13.56 10.51
C GLU A 436 22.98 13.14 11.97
N ARG A 437 24.06 13.42 12.71
CA ARG A 437 24.15 13.05 14.11
C ARG A 437 23.79 14.21 15.04
N THR A 438 23.32 13.87 16.25
CA THR A 438 23.03 14.87 17.27
C THR A 438 23.45 14.32 18.65
N TYR A 439 23.15 15.09 19.70
CA TYR A 439 23.54 14.75 21.07
C TYR A 439 22.76 13.54 21.63
N GLN A 440 21.70 13.17 20.91
CA GLN A 440 20.74 12.16 21.36
C GLN A 440 20.70 10.94 20.43
N ASN A 441 20.63 11.17 19.12
CA ASN A 441 20.51 10.06 18.17
C ASN A 441 21.81 9.28 18.05
N LYS A 442 22.90 9.87 18.54
CA LYS A 442 24.19 9.19 18.66
C LYS A 442 24.12 7.98 19.60
N GLU A 443 22.97 7.80 20.23
CA GLU A 443 22.69 6.66 21.11
C GLU A 443 22.68 5.33 20.35
N ILE A 444 21.85 5.23 19.30
CA ILE A 444 21.76 4.01 18.50
C ILE A 444 22.79 3.98 17.38
N TRP A 445 23.42 5.13 17.12
CA TRP A 445 24.41 5.25 16.06
C TRP A 445 25.60 4.33 16.28
N GLU A 446 25.87 3.99 17.53
CA GLU A 446 26.96 3.08 17.86
C GLU A 446 26.74 1.70 17.23
N ILE A 447 25.47 1.40 16.94
CA ILE A 447 25.11 0.13 16.32
C ILE A 447 25.18 0.22 14.80
N ILE A 448 24.75 1.36 14.26
CA ILE A 448 24.80 1.59 12.83
C ILE A 448 26.25 1.72 12.36
N ASP A 449 27.12 2.15 13.27
CA ASP A 449 28.54 2.34 12.96
C ASP A 449 29.30 1.02 12.95
N THR A 450 28.77 0.00 13.64
CA THR A 450 29.43 -1.30 13.74
C THR A 450 28.89 -2.30 12.72
N ILE A 451 28.14 -1.81 11.74
CA ILE A 451 27.68 -2.63 10.61
C ILE A 451 28.85 -3.12 9.76
N PRO A 452 29.67 -2.19 9.24
CA PRO A 452 30.76 -2.63 8.36
C PRO A 452 31.72 -3.61 9.06
N SER A 453 31.84 -3.49 10.37
CA SER A 453 32.67 -4.42 11.14
C SER A 453 32.00 -5.79 11.20
N THR A 454 30.67 -5.79 11.32
CA THR A 454 29.89 -7.03 11.31
C THR A 454 30.10 -7.78 9.99
N LEU A 455 29.80 -7.09 8.88
CA LEU A 455 29.94 -7.64 7.52
C LEU A 455 31.27 -8.31 7.23
N TYR A 456 32.34 -7.81 7.84
CA TYR A 456 33.68 -8.35 7.62
C TYR A 456 33.95 -9.60 8.45
N ASN A 457 33.30 -9.69 9.61
CA ASN A 457 33.42 -10.89 10.44
C ASN A 457 32.68 -12.09 9.86
N LEU A 458 32.00 -11.89 8.73
CA LEU A 458 31.33 -12.98 8.02
C LEU A 458 32.29 -13.80 7.16
N TYR A 459 33.39 -13.19 6.72
CA TYR A 459 34.39 -13.91 5.98
C TYR A 459 34.90 -15.09 6.81
N TYR A 460 35.01 -14.86 8.12
CA TYR A 460 35.59 -15.84 9.02
C TYR A 460 34.80 -17.15 9.10
N ILE A 461 33.52 -17.13 8.75
CA ILE A 461 32.73 -18.35 8.78
C ILE A 461 33.12 -19.26 7.59
N ASN A 462 33.70 -18.65 6.56
CA ASN A 462 34.40 -19.37 5.50
C ASN A 462 33.48 -20.10 4.51
N ASP A 463 32.32 -19.52 4.22
CA ASP A 463 31.43 -20.04 3.18
C ASP A 463 31.76 -19.37 1.85
N LEU A 464 31.39 -20.02 0.76
CA LEU A 464 31.66 -19.49 -0.57
C LEU A 464 30.55 -18.53 -0.98
N ASN A 465 29.30 -18.95 -0.84
CA ASN A 465 28.15 -18.15 -1.22
C ASN A 465 28.09 -16.82 -0.47
N ILE A 466 28.39 -16.87 0.82
CA ILE A 466 28.42 -15.68 1.64
C ILE A 466 29.59 -14.80 1.22
N ASN A 467 30.78 -15.39 1.17
CA ASN A 467 31.98 -14.65 0.75
C ASN A 467 31.76 -14.02 -0.62
N GLU A 468 30.97 -14.67 -1.46
CA GLU A 468 30.57 -14.11 -2.75
C GLU A 468 29.55 -12.99 -2.59
N GLN A 469 28.68 -13.14 -1.60
CA GLN A 469 27.63 -12.16 -1.38
C GLN A 469 28.18 -10.90 -0.71
N VAL A 470 28.92 -11.07 0.38
CA VAL A 470 29.53 -9.94 1.08
C VAL A 470 30.42 -9.17 0.10
N ASP A 471 31.11 -9.89 -0.77
CA ASP A 471 31.91 -9.28 -1.83
C ASP A 471 31.05 -8.41 -2.75
N SER A 472 29.93 -8.96 -3.19
CA SER A 472 29.04 -8.26 -4.10
C SER A 472 28.35 -7.09 -3.40
N VAL A 473 28.11 -7.23 -2.10
CA VAL A 473 27.37 -6.21 -1.36
C VAL A 473 28.25 -5.01 -1.02
N ILE A 474 29.42 -5.25 -0.44
CA ILE A 474 30.28 -4.17 0.07
C ILE A 474 30.56 -3.11 -0.98
N PHE A 475 30.88 -3.52 -2.20
CA PHE A 475 31.26 -2.58 -3.24
C PHE A 475 30.03 -1.95 -3.90
N GLU A 476 28.84 -2.45 -3.58
CA GLU A 476 27.60 -1.87 -4.09
C GLU A 476 27.17 -0.65 -3.28
N TYR A 477 27.16 -0.79 -1.96
CA TYR A 477 26.54 0.21 -1.08
C TYR A 477 27.54 0.88 -0.14
N LEU A 478 28.26 0.08 0.63
CA LEU A 478 29.18 0.61 1.63
C LEU A 478 30.29 1.44 0.98
N LEU A 479 31.17 0.77 0.23
CA LEU A 479 32.21 1.45 -0.54
C LEU A 479 31.86 1.45 -2.02
N PRO A 480 31.15 2.50 -2.49
CA PRO A 480 30.81 2.54 -3.90
C PRO A 480 32.04 2.85 -4.77
N PHE A 481 31.84 2.98 -6.08
CA PHE A 481 32.90 3.34 -7.00
C PHE A 481 32.80 4.82 -7.42
N GLU A 482 31.97 5.59 -6.71
CA GLU A 482 31.63 6.95 -7.12
C GLU A 482 31.56 7.92 -5.93
N PRO A 483 31.42 9.23 -6.19
CA PRO A 483 31.41 9.91 -7.50
C PRO A 483 32.70 10.69 -7.75
N ASP A 484 33.61 10.64 -6.80
CA ASP A 484 34.77 11.52 -6.79
C ASP A 484 35.97 10.80 -6.19
N ASN A 485 37.13 11.48 -6.16
CA ASN A 485 38.34 10.92 -5.56
C ASN A 485 38.33 11.01 -4.04
N ASP A 486 37.70 12.07 -3.52
CA ASP A 486 37.85 12.44 -2.12
C ASP A 486 36.78 11.85 -1.17
N LYS A 487 35.51 11.92 -1.55
CA LYS A 487 34.46 11.48 -0.64
C LYS A 487 34.43 9.97 -0.46
N ARG A 488 35.11 9.23 -1.34
CA ARG A 488 35.27 7.78 -1.14
C ARG A 488 36.07 7.56 0.12
N VAL A 489 37.19 8.29 0.21
CA VAL A 489 38.10 8.20 1.34
C VAL A 489 37.47 8.77 2.60
N HIS A 490 36.73 9.87 2.47
CA HIS A 490 36.06 10.48 3.60
C HIS A 490 35.12 9.48 4.28
N ARG A 491 34.36 8.76 3.47
CA ARG A 491 33.44 7.76 3.99
C ARG A 491 34.16 6.46 4.32
N LEU A 492 35.22 6.13 3.57
CA LEU A 492 36.03 4.94 3.84
C LEU A 492 36.57 4.93 5.27
N LEU A 493 36.99 6.10 5.73
CA LEU A 493 37.48 6.23 7.10
C LEU A 493 36.34 6.03 8.09
N THR A 494 35.21 6.69 7.85
CA THR A 494 34.05 6.59 8.73
C THR A 494 33.55 5.14 8.81
N VAL A 495 33.90 4.35 7.80
CA VAL A 495 33.60 2.92 7.80
C VAL A 495 34.57 2.21 8.73
N LEU A 496 35.85 2.49 8.58
CA LEU A 496 36.89 1.86 9.39
C LEU A 496 36.89 2.39 10.83
N SER A 497 36.15 3.47 11.07
CA SER A 497 36.17 4.17 12.36
C SER A 497 35.85 3.25 13.52
N HIS A 498 34.79 2.47 13.38
CA HIS A 498 34.35 1.55 14.41
C HIS A 498 34.61 0.11 13.98
N PHE A 499 35.89 -0.25 13.98
CA PHE A 499 36.35 -1.61 13.68
C PHE A 499 36.93 -2.28 14.92
N ASP A 500 36.75 -3.60 15.03
CA ASP A 500 37.51 -4.37 16.00
C ASP A 500 38.76 -4.90 15.30
N LYS A 501 39.55 -5.73 15.98
CA LYS A 501 40.80 -6.21 15.40
C LYS A 501 40.54 -7.24 14.30
N LYS A 502 39.54 -8.10 14.50
CA LYS A 502 39.16 -9.07 13.48
C LYS A 502 38.81 -8.38 12.16
N ALA A 503 38.03 -7.30 12.27
CA ALA A 503 37.62 -6.53 11.10
C ALA A 503 38.83 -6.03 10.33
N PHE A 504 39.83 -5.54 11.07
CA PHE A 504 41.05 -5.03 10.45
C PHE A 504 41.86 -6.17 9.83
N THR A 505 42.18 -7.20 10.62
CA THR A 505 43.00 -8.31 10.13
C THR A 505 42.41 -8.95 8.88
N SER A 506 41.08 -9.03 8.84
CA SER A 506 40.39 -9.57 7.68
C SER A 506 40.30 -8.51 6.59
N PHE A 507 40.12 -7.26 6.99
CA PHE A 507 40.15 -6.14 6.06
C PHE A 507 41.50 -6.09 5.36
N PHE A 508 42.58 -6.23 6.14
CA PHE A 508 43.93 -6.25 5.61
C PHE A 508 44.18 -7.54 4.83
N ALA A 509 43.53 -8.62 5.27
CA ALA A 509 43.70 -9.93 4.62
C ALA A 509 43.08 -9.95 3.22
N PHE A 510 41.89 -9.37 3.09
CA PHE A 510 41.21 -9.29 1.80
C PHE A 510 42.09 -8.56 0.79
N ASN A 511 42.75 -7.51 1.28
CA ASN A 511 43.60 -6.67 0.44
C ASN A 511 44.94 -7.34 0.14
N ALA A 512 45.37 -8.22 1.05
CA ALA A 512 46.60 -8.95 0.84
C ALA A 512 46.39 -10.03 -0.23
N ARG A 513 45.14 -10.42 -0.42
CA ARG A 513 44.77 -11.38 -1.46
C ARG A 513 44.56 -10.66 -2.80
N GLN A 514 44.32 -9.35 -2.75
CA GLN A 514 44.12 -8.56 -3.97
C GLN A 514 45.35 -8.58 -4.86
N ILE A 515 46.53 -8.64 -4.25
CA ILE A 515 47.79 -8.64 -4.97
C ILE A 515 48.12 -10.05 -5.48
N LYS A 516 47.67 -11.08 -4.74
CA LYS A 516 47.91 -12.47 -5.12
C LYS A 516 46.87 -12.94 -6.15
N ILE A 517 45.73 -12.25 -6.21
CA ILE A 517 44.72 -12.50 -7.24
C ILE A 517 45.11 -11.75 -8.50
N SER A 518 45.68 -10.56 -8.33
CA SER A 518 46.13 -9.76 -9.47
C SER A 518 47.22 -10.49 -10.26
N PHE A 519 48.17 -11.09 -9.54
CA PHE A 519 49.27 -11.86 -10.15
C PHE A 519 48.73 -13.13 -10.84
N ALA A 520 47.47 -13.45 -10.60
CA ALA A 520 46.84 -14.65 -11.15
C ALA A 520 45.96 -14.34 -12.38
N ILE A 521 45.33 -13.17 -12.40
CA ILE A 521 44.55 -12.76 -13.59
C ILE A 521 45.49 -12.17 -14.64
N SER A 522 46.61 -11.62 -14.20
CA SER A 522 47.62 -11.11 -15.12
C SER A 522 48.36 -12.27 -15.81
N LYS A 523 48.78 -13.26 -15.02
CA LYS A 523 49.40 -14.48 -15.56
C LYS A 523 48.34 -15.44 -16.12
N TYR A 524 47.08 -15.02 -16.08
CA TYR A 524 46.01 -15.72 -16.80
C TYR A 524 45.93 -15.26 -18.25
N ILE A 525 45.93 -13.95 -18.47
CA ILE A 525 45.87 -13.38 -19.81
C ILE A 525 47.17 -13.65 -20.58
N ASP A 526 48.29 -13.70 -19.86
CA ASP A 526 49.59 -14.05 -20.43
C ASP A 526 49.65 -15.54 -20.79
N PHE A 527 48.78 -16.33 -20.16
CA PHE A 527 48.64 -17.76 -20.45
C PHE A 527 47.42 -18.07 -21.33
N SER A 528 46.46 -17.14 -21.36
CA SER A 528 45.27 -17.27 -22.20
C SER A 528 45.49 -16.68 -23.59
N LYS A 529 46.60 -15.96 -23.74
CA LYS A 529 47.00 -15.43 -25.04
C LYS A 529 47.82 -16.45 -25.83
N PHE A 530 47.95 -17.66 -25.28
CA PHE A 530 48.74 -18.73 -25.90
C PHE A 530 47.98 -19.40 -27.05
N LEU A 531 46.69 -19.12 -27.14
CA LEU A 531 45.85 -19.60 -28.24
C LEU A 531 45.54 -18.49 -29.23
N ASN A 532 46.25 -17.37 -29.10
CA ASN A 532 46.18 -16.29 -30.08
C ASN A 532 46.71 -16.80 -31.42
N ASN A 533 47.87 -17.45 -31.37
CA ASN A 533 48.47 -18.09 -32.54
C ASN A 533 49.16 -19.39 -32.16
N GLN A 534 49.74 -20.05 -33.15
CA GLN A 534 50.37 -21.35 -32.92
C GLN A 534 51.77 -21.22 -32.29
N GLU A 535 51.80 -21.06 -30.97
CA GLU A 535 53.05 -21.02 -30.23
C GLU A 535 53.59 -22.44 -30.03
N SER A 536 52.79 -23.25 -29.33
CA SER A 536 53.18 -24.61 -29.02
C SER A 536 51.96 -25.53 -28.94
N MET A 537 51.57 -26.08 -30.08
CA MET A 537 50.57 -27.14 -30.11
C MET A 537 51.16 -28.36 -29.40
N SER A 538 52.47 -28.53 -29.58
CA SER A 538 53.24 -29.56 -28.88
C SER A 538 54.74 -29.26 -29.02
N SER A 539 55.10 -27.98 -28.91
CA SER A 539 56.48 -27.53 -29.13
C SER A 539 57.17 -27.10 -27.83
N SER A 540 57.27 -25.80 -27.59
CA SER A 540 58.08 -25.25 -26.50
C SER A 540 57.61 -25.73 -25.13
N GLN A 541 56.34 -25.47 -24.84
CA GLN A 541 55.76 -25.84 -23.55
C GLN A 541 54.33 -26.37 -23.71
N GLY A 542 53.98 -26.75 -24.94
CA GLY A 542 52.68 -27.34 -25.22
C GLY A 542 52.24 -28.39 -24.22
N PRO A 543 53.10 -29.38 -23.93
CA PRO A 543 52.74 -30.43 -22.97
C PRO A 543 52.86 -30.04 -21.49
N ILE A 544 53.26 -28.81 -21.18
CA ILE A 544 53.46 -28.38 -19.79
C ILE A 544 52.92 -26.97 -19.47
N VAL A 545 52.53 -26.20 -20.49
CA VAL A 545 51.95 -24.87 -20.26
C VAL A 545 50.43 -24.92 -20.29
N MET A 546 49.88 -25.78 -21.14
CA MET A 546 48.44 -26.00 -21.15
C MET A 546 48.01 -26.54 -19.78
N ASN A 547 48.91 -27.27 -19.12
CA ASN A 547 48.65 -27.84 -17.79
C ASN A 547 49.10 -26.93 -16.63
N LYS A 548 49.56 -25.72 -16.95
CA LYS A 548 49.87 -24.70 -15.93
C LYS A 548 48.80 -23.61 -15.99
N TYR A 549 48.30 -23.36 -17.19
CA TYR A 549 47.13 -22.49 -17.37
C TYR A 549 45.86 -23.16 -16.88
N ASN A 550 45.68 -24.41 -17.32
CA ASN A 550 44.50 -25.18 -16.96
C ASN A 550 44.45 -25.53 -15.45
N GLN A 551 45.61 -25.57 -14.81
CA GLN A 551 45.72 -25.85 -13.38
C GLN A 551 45.88 -24.57 -12.54
N THR A 552 45.90 -23.43 -13.22
CA THR A 552 45.97 -22.13 -12.56
C THR A 552 44.58 -21.47 -12.55
N LEU A 553 43.73 -21.83 -13.53
CA LEU A 553 42.37 -21.28 -13.61
C LEU A 553 41.44 -21.87 -12.54
N GLN A 554 41.88 -22.97 -11.92
CA GLN A 554 41.17 -23.58 -10.81
C GLN A 554 41.49 -22.83 -9.53
N TRP A 555 42.71 -22.31 -9.45
CA TRP A 555 43.16 -21.57 -8.28
C TRP A 555 42.24 -20.36 -8.02
N LEU A 556 41.69 -19.79 -9.10
CA LEU A 556 40.80 -18.63 -8.97
C LEU A 556 39.34 -19.05 -8.85
N ALA A 557 39.04 -20.29 -9.25
CA ALA A 557 37.68 -20.82 -9.20
C ALA A 557 37.40 -21.58 -7.89
N SER A 558 38.45 -21.85 -7.13
CA SER A 558 38.33 -22.61 -5.87
C SER A 558 37.63 -21.78 -4.79
N GLY A 559 37.59 -20.47 -5.01
CA GLY A 559 36.99 -19.55 -4.05
C GLY A 559 35.60 -19.08 -4.45
N LEU A 560 35.05 -19.69 -5.49
CA LEU A 560 33.72 -19.34 -6.00
C LEU A 560 32.71 -20.46 -5.76
N SER A 561 31.53 -20.09 -5.29
CA SER A 561 30.48 -21.04 -4.90
C SER A 561 30.21 -22.06 -5.99
N ASP A 562 30.04 -21.57 -7.21
CA ASP A 562 29.85 -22.42 -8.36
C ASP A 562 31.13 -22.42 -9.21
N SER A 563 32.13 -23.16 -8.73
CA SER A 563 33.39 -23.32 -9.46
C SER A 563 33.14 -23.94 -10.84
N THR A 564 32.05 -24.69 -10.95
CA THR A 564 31.61 -25.29 -12.22
C THR A 564 30.83 -24.27 -13.07
N LYS A 565 31.01 -22.99 -12.73
CA LYS A 565 30.63 -21.88 -13.60
C LYS A 565 31.85 -20.98 -13.86
N ALA A 566 32.88 -21.15 -13.03
CA ALA A 566 34.07 -20.31 -13.03
C ALA A 566 35.13 -20.76 -14.03
N ILE A 567 35.51 -22.03 -13.94
CA ILE A 567 36.40 -22.64 -14.93
C ILE A 567 35.66 -22.79 -16.27
N ASP A 568 34.33 -22.65 -16.22
CA ASP A 568 33.47 -22.68 -17.40
C ASP A 568 33.53 -21.38 -18.21
N ALA A 569 33.58 -20.26 -17.50
CA ALA A 569 33.45 -18.95 -18.11
C ALA A 569 34.70 -18.47 -18.86
N LEU A 570 35.88 -18.82 -18.37
CA LEU A 570 37.15 -18.28 -18.87
C LEU A 570 37.81 -19.12 -19.98
N GLU A 571 37.24 -20.29 -20.28
CA GLU A 571 37.70 -21.12 -21.40
C GLU A 571 36.86 -20.85 -22.66
N THR A 572 35.70 -20.22 -22.48
CA THR A 572 34.93 -19.68 -23.60
C THR A 572 35.43 -18.28 -23.95
N ILE A 573 36.28 -17.73 -23.08
CA ILE A 573 36.94 -16.45 -23.32
C ILE A 573 38.26 -16.63 -24.09
N LYS A 574 38.89 -17.78 -23.88
CA LYS A 574 39.97 -18.24 -24.73
C LYS A 574 39.38 -18.72 -26.06
N GLN A 575 38.06 -19.00 -26.05
CA GLN A 575 37.31 -19.33 -27.27
C GLN A 575 36.95 -18.07 -28.06
N PHE A 576 36.52 -17.03 -27.36
CA PHE A 576 36.35 -15.72 -27.96
C PHE A 576 37.70 -15.25 -28.46
N ASN A 577 38.66 -15.23 -27.54
CA ASN A 577 40.02 -14.79 -27.83
C ASN A 577 39.95 -13.40 -28.44
N ASP A 578 39.04 -12.60 -27.90
CA ASP A 578 38.86 -11.21 -28.33
C ASP A 578 39.77 -10.32 -27.46
N GLU A 579 40.65 -9.55 -28.10
CA GLU A 579 41.70 -8.80 -27.40
C GLU A 579 41.17 -7.55 -26.68
N ARG A 580 40.17 -6.90 -27.26
CA ARG A 580 39.53 -5.73 -26.64
C ARG A 580 39.23 -5.98 -25.17
N ILE A 581 38.59 -7.10 -24.92
CA ILE A 581 38.22 -7.51 -23.58
C ILE A 581 39.45 -7.79 -22.70
N PHE A 582 40.40 -8.57 -23.22
CA PHE A 582 41.64 -8.91 -22.51
C PHE A 582 42.34 -7.66 -21.99
N TYR A 583 42.21 -6.57 -22.74
CA TYR A 583 42.84 -5.30 -22.39
C TYR A 583 42.08 -4.60 -21.27
N LEU A 584 40.75 -4.63 -21.32
CA LEU A 584 39.95 -4.05 -20.24
C LEU A 584 40.13 -4.84 -18.96
N LEU A 585 40.25 -6.14 -19.10
CA LEU A 585 40.47 -7.01 -17.95
C LEU A 585 41.85 -6.75 -17.36
N ASN A 586 42.89 -6.99 -18.15
CA ASN A 586 44.29 -6.76 -17.75
C ASN A 586 44.45 -5.39 -17.10
N ALA A 587 43.68 -4.41 -17.56
CA ALA A 587 43.80 -3.03 -17.10
C ALA A 587 43.21 -2.80 -15.71
N CYS A 588 42.33 -3.69 -15.28
CA CYS A 588 41.68 -3.58 -13.98
C CYS A 588 42.50 -4.24 -12.86
N VAL A 589 43.35 -5.21 -13.23
CA VAL A 589 44.04 -6.04 -12.24
C VAL A 589 45.51 -5.62 -12.09
N THR A 590 45.98 -4.83 -13.04
CA THR A 590 47.40 -4.50 -13.15
C THR A 590 47.95 -3.58 -12.05
N ASN A 591 47.13 -3.30 -11.02
CA ASN A 591 47.54 -2.46 -9.89
C ASN A 591 47.82 -1.01 -10.31
N ASP A 592 47.74 -0.09 -9.35
CA ASP A 592 48.09 1.32 -9.55
C ASP A 592 47.43 1.94 -10.79
N ILE A 593 46.10 1.96 -10.80
CA ILE A 593 45.33 2.53 -11.90
C ILE A 593 44.51 3.69 -11.35
N PRO A 594 44.60 4.89 -11.99
CA PRO A 594 43.81 6.02 -11.48
C PRO A 594 42.37 5.60 -11.26
N PHE A 595 41.86 5.80 -10.05
CA PHE A 595 40.60 5.18 -9.67
C PHE A 595 39.50 5.52 -10.67
N LEU A 596 39.60 6.67 -11.31
CA LEU A 596 38.58 7.11 -12.25
C LEU A 596 38.53 6.23 -13.50
N THR A 597 39.68 5.95 -14.10
CA THR A 597 39.72 5.16 -15.33
C THR A 597 39.37 3.70 -15.07
N PHE A 598 39.74 3.19 -13.90
CA PHE A 598 39.35 1.85 -13.48
C PHE A 598 37.83 1.66 -13.59
N LYS A 599 37.09 2.69 -13.20
CA LYS A 599 35.63 2.68 -13.29
C LYS A 599 35.15 2.55 -14.74
N ASN A 600 35.84 3.24 -15.64
CA ASN A 600 35.47 3.25 -17.06
C ASN A 600 35.85 1.94 -17.75
N CYS A 601 37.01 1.39 -17.39
CA CYS A 601 37.43 0.08 -17.89
C CYS A 601 36.45 -0.98 -17.40
N TYR A 602 36.06 -0.85 -16.14
CA TYR A 602 35.23 -1.84 -15.47
C TYR A 602 33.76 -1.80 -15.92
N ASN A 603 33.24 -0.61 -16.20
CA ASN A 603 31.83 -0.44 -16.53
C ASN A 603 31.49 -0.88 -17.96
N GLU A 604 32.36 -0.54 -18.91
CA GLU A 604 32.20 -0.99 -20.27
C GLU A 604 32.33 -2.50 -20.34
N LEU A 605 33.21 -3.04 -19.50
CA LEU A 605 33.52 -4.47 -19.51
C LEU A 605 32.31 -5.32 -19.12
N VAL A 606 31.46 -4.82 -18.22
CA VAL A 606 30.30 -5.57 -17.76
C VAL A 606 29.09 -5.36 -18.69
N SER A 607 28.96 -4.16 -19.25
CA SER A 607 27.86 -3.86 -20.16
C SER A 607 28.07 -4.57 -21.49
N LYS A 608 29.34 -4.73 -21.86
CA LYS A 608 29.71 -5.38 -23.11
C LYS A 608 29.33 -6.85 -23.09
N LEU A 609 29.32 -7.45 -21.89
CA LEU A 609 29.10 -8.89 -21.75
C LEU A 609 27.62 -9.28 -21.75
N GLN A 610 26.73 -8.30 -21.87
CA GLN A 610 25.30 -8.56 -21.81
C GLN A 610 24.62 -8.60 -23.19
N THR A 611 24.17 -9.79 -23.57
CA THR A 611 23.38 -10.06 -24.80
C THR A 611 24.21 -10.17 -26.11
N PRO A 612 24.92 -11.31 -26.29
CA PRO A 612 25.65 -11.57 -27.55
C PRO A 612 24.82 -12.33 -28.59
N SER A 625 28.06 -22.48 -24.03
CA SER A 625 27.17 -23.56 -23.61
C SER A 625 25.90 -23.01 -22.93
N ILE A 626 26.09 -22.14 -21.94
CA ILE A 626 24.99 -21.55 -21.18
C ILE A 626 25.11 -20.03 -21.20
N MET A 627 24.16 -19.34 -20.57
CA MET A 627 24.06 -17.88 -20.67
C MET A 627 25.31 -17.13 -20.21
N PRO A 628 25.69 -16.06 -20.95
CA PRO A 628 26.78 -15.18 -20.50
C PRO A 628 26.39 -14.26 -19.34
N ARG A 629 25.11 -14.23 -18.97
CA ARG A 629 24.68 -13.50 -17.78
C ARG A 629 25.44 -14.03 -16.58
N ASP A 630 25.68 -15.34 -16.60
CA ASP A 630 26.48 -16.01 -15.58
C ASP A 630 27.91 -15.47 -15.57
N ILE A 631 28.52 -15.37 -16.75
CA ILE A 631 29.91 -14.91 -16.86
C ILE A 631 30.02 -13.49 -16.31
N ALA A 632 28.94 -12.71 -16.45
CA ALA A 632 28.91 -11.33 -15.97
C ALA A 632 28.85 -11.27 -14.45
N LYS A 633 28.14 -12.21 -13.85
CA LYS A 633 27.98 -12.23 -12.40
C LYS A 633 29.15 -12.96 -11.73
N VAL A 634 29.89 -13.76 -12.51
CA VAL A 634 31.08 -14.45 -11.99
C VAL A 634 32.31 -13.55 -12.06
N ILE A 635 32.47 -12.84 -13.18
CA ILE A 635 33.61 -11.96 -13.33
C ILE A 635 33.49 -10.78 -12.38
N GLN A 636 32.28 -10.28 -12.23
CA GLN A 636 32.02 -9.11 -11.42
C GLN A 636 32.48 -9.31 -9.97
N ILE A 637 32.08 -10.43 -9.38
CA ILE A 637 32.45 -10.75 -7.99
C ILE A 637 33.90 -11.22 -7.87
N LEU A 638 34.44 -11.73 -8.98
CA LEU A 638 35.83 -12.15 -8.99
C LEU A 638 36.74 -10.93 -9.12
N LEU A 639 36.29 -9.92 -9.87
CA LEU A 639 37.06 -8.70 -10.04
C LEU A 639 37.17 -7.92 -8.75
N PHE A 640 36.11 -7.98 -7.95
CA PHE A 640 36.06 -7.31 -6.65
C PHE A 640 37.22 -7.76 -5.75
N ARG A 641 37.72 -8.96 -5.99
CA ARG A 641 38.83 -9.52 -5.22
C ARG A 641 40.17 -9.30 -5.92
N ALA A 642 40.13 -8.96 -7.20
CA ALA A 642 41.33 -8.88 -8.03
C ALA A 642 41.89 -7.46 -8.13
N SER A 643 41.02 -6.52 -8.51
CA SER A 643 41.45 -5.17 -8.83
C SER A 643 41.70 -4.31 -7.59
N PRO A 644 42.42 -3.18 -7.75
CA PRO A 644 42.71 -2.22 -6.68
C PRO A 644 41.71 -1.08 -6.61
N ILE A 645 40.88 -1.08 -5.57
CA ILE A 645 39.85 -0.08 -5.41
C ILE A 645 40.26 0.82 -4.26
N ILE A 646 40.77 0.18 -3.22
CA ILE A 646 41.09 0.84 -1.97
C ILE A 646 42.56 1.23 -1.91
N TYR A 647 43.41 0.38 -2.48
CA TYR A 647 44.84 0.68 -2.58
C TYR A 647 45.13 1.26 -3.96
N ASN A 648 45.10 2.59 -4.05
CA ASN A 648 45.19 3.24 -5.36
C ASN A 648 45.59 4.72 -5.25
N VAL A 649 44.98 5.58 -6.07
CA VAL A 649 45.27 7.01 -6.03
C VAL A 649 44.59 7.71 -4.86
N SER A 650 43.92 6.93 -4.01
CA SER A 650 43.39 7.45 -2.75
C SER A 650 44.53 7.74 -1.78
N ASN A 651 45.64 7.02 -1.94
CA ASN A 651 46.85 7.26 -1.15
C ASN A 651 47.26 8.73 -1.17
N ILE A 652 47.17 9.32 -2.36
CA ILE A 652 47.47 10.73 -2.56
C ILE A 652 46.56 11.60 -1.68
N SER A 653 45.34 11.14 -1.46
CA SER A 653 44.35 11.89 -0.69
C SER A 653 44.58 11.72 0.82
N VAL A 654 44.94 10.50 1.23
CA VAL A 654 45.26 10.24 2.64
C VAL A 654 46.63 10.83 2.94
N LEU A 655 47.41 11.06 1.89
CA LEU A 655 48.69 11.76 1.99
C LEU A 655 48.45 13.20 2.43
N LEU A 656 47.80 13.99 1.58
CA LEU A 656 47.39 15.34 1.96
C LEU A 656 46.71 15.30 3.32
N ASN A 657 47.30 15.96 4.31
CA ASN A 657 46.68 15.99 5.62
C ASN A 657 45.47 16.91 5.62
N LEU A 658 44.29 16.29 5.67
CA LEU A 658 43.02 17.00 5.73
C LEU A 658 42.99 17.95 6.91
N SER A 659 43.69 17.55 7.97
CA SER A 659 43.65 18.27 9.23
C SER A 659 45.06 18.44 9.79
N ASN A 660 45.39 19.64 10.26
CA ASN A 660 46.69 19.91 10.88
C ASN A 660 46.80 19.24 12.25
N ASN A 661 45.85 19.55 13.13
CA ASN A 661 45.71 18.88 14.42
C ASN A 661 44.29 18.31 14.56
N SER A 662 44.01 17.72 15.72
CA SER A 662 42.69 17.16 16.02
C SER A 662 42.37 15.92 15.18
N ASP A 663 41.24 15.30 15.46
CA ASP A 663 40.79 14.12 14.72
C ASP A 663 41.78 12.96 14.95
N ALA A 664 42.04 12.67 16.22
CA ALA A 664 42.87 11.54 16.61
C ALA A 664 42.18 10.22 16.29
N LYS A 665 40.92 10.29 15.88
CA LYS A 665 40.17 9.15 15.40
C LYS A 665 40.25 9.07 13.86
N GLN A 666 40.98 10.00 13.25
CA GLN A 666 41.21 10.02 11.79
C GLN A 666 42.67 9.74 11.43
N LEU A 667 43.60 10.26 12.24
CA LEU A 667 45.02 10.12 11.95
C LEU A 667 45.54 8.73 12.30
N ASP A 668 44.98 8.14 13.36
CA ASP A 668 45.35 6.78 13.76
C ASP A 668 44.81 5.76 12.75
N LEU A 669 43.91 6.23 11.89
CA LEU A 669 43.46 5.46 10.73
C LEU A 669 44.38 5.72 9.55
N LYS A 670 44.64 7.00 9.27
CA LYS A 670 45.59 7.39 8.23
C LYS A 670 46.88 6.59 8.39
N ARG A 671 47.38 6.51 9.62
CA ARG A 671 48.48 5.63 9.94
C ARG A 671 48.07 4.20 9.60
N ARG A 672 47.28 3.58 10.49
CA ARG A 672 46.78 2.21 10.32
C ARG A 672 46.66 1.77 8.86
N ILE A 673 46.16 2.69 8.03
CA ILE A 673 46.02 2.44 6.59
C ILE A 673 47.38 2.53 5.90
N LEU A 674 47.96 3.74 5.86
CA LEU A 674 49.28 3.95 5.25
C LEU A 674 50.34 3.04 5.88
N ASP A 675 50.16 2.73 7.16
CA ASP A 675 51.07 1.87 7.90
C ASP A 675 51.09 0.47 7.28
N ASP A 676 49.99 0.10 6.61
CA ASP A 676 49.86 -1.23 6.02
C ASP A 676 50.14 -1.24 4.52
N ILE A 677 49.75 -0.18 3.82
CA ILE A 677 49.88 -0.11 2.37
C ILE A 677 51.36 -0.15 1.95
N SER A 678 52.24 0.28 2.84
CA SER A 678 53.68 0.26 2.60
C SER A 678 54.27 -1.12 2.83
N LYS A 679 53.54 -1.96 3.55
CA LYS A 679 54.01 -3.30 3.91
C LYS A 679 53.53 -4.38 2.93
N VAL A 680 52.28 -4.28 2.49
CA VAL A 680 51.71 -5.25 1.58
C VAL A 680 52.41 -5.20 0.22
N ASN A 681 52.71 -3.98 -0.22
CA ASN A 681 53.46 -3.74 -1.43
C ASN A 681 54.00 -2.32 -1.45
N PRO A 682 55.32 -2.15 -1.25
CA PRO A 682 55.88 -0.81 -1.38
C PRO A 682 56.31 -0.52 -2.81
N THR A 683 55.90 -1.36 -3.75
CA THR A 683 56.11 -1.09 -5.16
C THR A 683 55.38 0.18 -5.54
N LEU A 684 54.29 0.49 -4.84
CA LEU A 684 53.51 1.67 -5.12
C LEU A 684 53.70 2.75 -4.05
N PHE A 685 54.09 2.34 -2.84
CA PHE A 685 54.11 3.25 -1.70
C PHE A 685 55.24 4.28 -1.71
N LYS A 686 56.47 3.84 -1.95
CA LYS A 686 57.64 4.71 -1.77
C LYS A 686 57.91 5.67 -2.94
N ASP A 687 56.98 5.73 -3.89
CA ASP A 687 57.15 6.52 -5.11
C ASP A 687 56.45 7.87 -5.04
N GLN A 688 55.33 7.95 -4.32
CA GLN A 688 54.58 9.19 -4.20
C GLN A 688 55.29 10.22 -3.30
N ILE A 689 56.23 9.76 -2.48
CA ILE A 689 57.00 10.66 -1.61
C ILE A 689 58.25 11.18 -2.32
N ARG A 690 58.66 10.52 -3.40
CA ARG A 690 59.71 11.02 -4.28
C ARG A 690 59.18 12.08 -5.25
N THR A 691 57.89 11.99 -5.56
CA THR A 691 57.19 13.02 -6.34
C THR A 691 56.86 14.23 -5.46
N LEU A 692 56.37 13.98 -4.24
CA LEU A 692 56.13 15.03 -3.24
C LEU A 692 57.43 15.76 -2.89
N LYS A 693 58.56 15.05 -3.01
CA LYS A 693 59.86 15.60 -2.66
C LYS A 693 60.35 16.59 -3.71
N LEU B 1 19.51 -22.13 15.24
CA LEU B 1 20.94 -22.07 15.45
C LEU B 1 21.58 -20.90 14.72
N MET B 2 22.73 -20.45 15.22
CA MET B 2 23.53 -19.43 14.57
C MET B 2 24.90 -20.00 14.20
N MET B 3 25.47 -19.51 13.11
CA MET B 3 26.72 -20.06 12.58
C MET B 3 27.93 -19.50 13.31
N GLU B 4 28.97 -20.32 13.37
CA GLU B 4 30.23 -19.97 14.05
C GLU B 4 31.35 -19.69 13.06
N ASP B 5 32.13 -18.64 13.33
CA ASP B 5 33.33 -18.37 12.55
C ASP B 5 34.31 -19.54 12.70
N ALA B 6 34.73 -20.08 11.55
CA ALA B 6 35.49 -21.34 11.50
C ALA B 6 36.86 -21.20 10.84
N VAL B 7 37.51 -20.06 11.04
CA VAL B 7 38.91 -19.89 10.65
C VAL B 7 39.62 -19.01 11.67
N THR B 8 40.90 -18.78 11.45
CA THR B 8 41.71 -17.95 12.36
C THR B 8 42.03 -16.61 11.72
N GLU B 9 42.41 -15.63 12.54
CA GLU B 9 42.80 -14.30 12.05
C GLU B 9 44.05 -14.38 11.18
N ARG B 10 44.74 -15.52 11.22
CA ARG B 10 45.90 -15.76 10.39
C ARG B 10 45.50 -16.24 9.00
N GLU B 11 44.81 -17.38 8.93
CA GLU B 11 44.33 -17.93 7.67
C GLU B 11 42.88 -17.53 7.39
N VAL B 12 42.68 -16.28 6.98
CA VAL B 12 41.38 -15.78 6.56
C VAL B 12 41.53 -15.31 5.10
N LEU B 13 40.63 -15.78 4.24
CA LEU B 13 40.70 -15.51 2.80
C LEU B 13 42.04 -15.97 2.21
N VAL B 14 42.54 -17.11 2.69
CA VAL B 14 43.80 -17.66 2.17
C VAL B 14 43.55 -18.50 0.90
N THR B 15 44.58 -18.61 0.06
CA THR B 15 44.53 -19.37 -1.19
C THR B 15 45.87 -20.05 -1.44
N PRO B 16 45.93 -21.39 -1.44
CA PRO B 16 47.25 -22.04 -1.58
C PRO B 16 47.78 -22.01 -3.02
N GLY B 17 49.09 -21.86 -3.19
CA GLY B 17 49.72 -21.91 -4.50
C GLY B 17 50.02 -20.57 -5.14
#